data_2KNI
#
_entry.id   2KNI
#
_entity_poly.entity_id   1
_entity_poly.type   'polypeptide(L)'
_entity_poly.pdbx_seq_one_letter_code
;SEDCIPKWKGCVNRHGDCCEGLECWKRRRSFEVCVPKTPKT
;
_entity_poly.pdbx_strand_id   A
#
# COMPACT_ATOMS: atom_id res chain seq x y z
N SER A 1 0.16 -9.41 14.51
CA SER A 1 0.94 -10.61 14.25
C SER A 1 0.64 -11.16 12.86
N GLU A 2 0.43 -10.27 11.90
CA GLU A 2 0.14 -10.67 10.53
C GLU A 2 1.30 -10.31 9.60
N ASP A 3 1.38 -11.02 8.47
CA ASP A 3 2.44 -10.77 7.51
C ASP A 3 1.91 -9.96 6.32
N CYS A 4 1.92 -8.65 6.47
CA CYS A 4 1.45 -7.76 5.40
C CYS A 4 1.67 -6.29 5.78
N ILE A 5 1.71 -5.43 4.77
CA ILE A 5 1.92 -4.00 4.99
C ILE A 5 0.60 -3.31 5.31
N PRO A 6 0.57 -2.57 6.44
CA PRO A 6 -0.62 -1.84 6.87
C PRO A 6 -0.92 -0.64 5.97
N LYS A 7 -1.85 0.20 6.41
CA LYS A 7 -2.23 1.38 5.65
C LYS A 7 -1.19 2.48 5.78
N TRP A 8 -0.60 2.87 4.66
CA TRP A 8 0.42 3.92 4.65
C TRP A 8 1.61 3.53 5.53
N LYS A 9 2.41 2.58 5.04
CA LYS A 9 3.58 2.12 5.78
C LYS A 9 4.84 2.22 4.91
N GLY A 10 4.64 2.31 3.60
CA GLY A 10 5.77 2.42 2.69
C GLY A 10 5.96 1.17 1.85
N CYS A 11 5.85 1.32 0.53
CA CYS A 11 6.00 0.19 -0.38
C CYS A 11 6.96 0.54 -1.51
N VAL A 12 8.10 1.13 -1.15
CA VAL A 12 9.12 1.51 -2.13
C VAL A 12 9.67 0.29 -2.85
N ASN A 13 9.56 -0.88 -2.22
CA ASN A 13 10.05 -2.12 -2.80
C ASN A 13 9.14 -3.29 -2.42
N ARG A 14 7.93 -2.98 -1.99
CA ARG A 14 6.97 -4.01 -1.60
C ARG A 14 5.56 -3.65 -2.07
N HIS A 15 5.34 -3.74 -3.38
CA HIS A 15 4.03 -3.42 -3.95
C HIS A 15 3.03 -4.53 -3.66
N GLY A 16 3.42 -5.77 -3.97
CA GLY A 16 2.54 -6.90 -3.72
C GLY A 16 2.72 -7.50 -2.36
N ASP A 17 2.70 -6.65 -1.32
CA ASP A 17 2.88 -7.11 0.05
C ASP A 17 1.91 -6.40 0.98
N CYS A 18 0.98 -5.64 0.40
CA CYS A 18 -0.01 -4.90 1.18
C CYS A 18 -1.11 -5.84 1.68
N CYS A 19 -1.58 -5.59 2.90
CA CYS A 19 -2.62 -6.41 3.49
C CYS A 19 -3.82 -6.51 2.55
N GLU A 20 -4.70 -7.47 2.82
CA GLU A 20 -5.89 -7.68 2.00
C GLU A 20 -6.73 -6.41 1.93
N GLY A 21 -7.00 -5.95 0.71
CA GLY A 21 -7.80 -4.75 0.54
C GLY A 21 -6.95 -3.51 0.38
N LEU A 22 -5.64 -3.70 0.26
CA LEU A 22 -4.71 -2.59 0.10
C LEU A 22 -4.03 -2.63 -1.26
N GLU A 23 -3.43 -1.51 -1.67
CA GLU A 23 -2.74 -1.43 -2.94
C GLU A 23 -1.64 -0.37 -2.90
N CYS A 24 -0.45 -0.74 -3.37
CA CYS A 24 0.68 0.17 -3.38
C CYS A 24 0.45 1.30 -4.38
N TRP A 25 0.68 2.54 -3.93
CA TRP A 25 0.50 3.70 -4.77
C TRP A 25 1.73 4.62 -4.71
N LYS A 26 2.18 5.06 -5.88
CA LYS A 26 3.34 5.95 -5.95
C LYS A 26 2.92 7.40 -5.82
N ARG A 27 3.76 8.19 -5.13
CA ARG A 27 3.48 9.60 -4.92
C ARG A 27 4.64 10.46 -5.40
N ARG A 28 4.35 11.72 -5.73
CA ARG A 28 5.37 12.64 -6.20
C ARG A 28 5.92 13.49 -5.05
N ARG A 29 5.09 13.65 -4.02
CA ARG A 29 5.48 14.44 -2.86
C ARG A 29 6.02 13.55 -1.74
N SER A 30 5.59 12.29 -1.74
CA SER A 30 6.02 11.34 -0.74
C SER A 30 6.37 9.99 -1.37
N PHE A 31 7.10 9.16 -0.63
CA PHE A 31 7.50 7.85 -1.12
C PHE A 31 6.28 6.94 -1.28
N GLU A 32 6.43 5.89 -2.09
CA GLU A 32 5.34 4.95 -2.32
C GLU A 32 4.88 4.32 -1.01
N VAL A 33 3.56 4.20 -0.86
CA VAL A 33 2.98 3.61 0.34
C VAL A 33 1.73 2.81 0.00
N CYS A 34 1.48 1.76 0.78
CA CYS A 34 0.31 0.91 0.57
C CYS A 34 -0.97 1.65 0.95
N VAL A 35 -1.69 2.13 -0.06
CA VAL A 35 -2.94 2.84 0.17
C VAL A 35 -4.14 1.90 0.13
N PRO A 36 -5.19 2.26 0.86
CA PRO A 36 -6.43 1.46 0.92
C PRO A 36 -7.20 1.49 -0.39
N LYS A 37 -7.62 0.30 -0.84
CA LYS A 37 -8.37 0.19 -2.09
C LYS A 37 -9.74 0.85 -1.97
N THR A 38 -10.13 1.59 -3.00
CA THR A 38 -11.41 2.28 -3.00
C THR A 38 -12.53 1.35 -3.48
N PRO A 39 -13.78 1.71 -3.13
CA PRO A 39 -14.95 0.93 -3.52
C PRO A 39 -15.24 1.00 -5.01
N LYS A 40 -16.17 0.16 -5.48
CA LYS A 40 -16.54 0.13 -6.88
C LYS A 40 -17.93 0.73 -7.10
N THR A 41 -17.97 1.88 -7.75
CA THR A 41 -19.24 2.56 -8.02
C THR A 41 -19.57 2.52 -9.51
N SER A 1 -0.37 -13.06 14.72
CA SER A 1 0.13 -11.92 13.98
C SER A 1 0.10 -12.20 12.47
N GLU A 2 -0.40 -11.23 11.71
CA GLU A 2 -0.49 -11.36 10.26
C GLU A 2 0.79 -10.87 9.59
N ASP A 3 0.97 -11.23 8.32
CA ASP A 3 2.15 -10.82 7.57
C ASP A 3 1.75 -10.00 6.35
N CYS A 4 1.78 -8.69 6.48
CA CYS A 4 1.43 -7.79 5.38
C CYS A 4 1.67 -6.33 5.77
N ILE A 5 1.75 -5.47 4.76
CA ILE A 5 1.98 -4.05 5.00
C ILE A 5 0.67 -3.33 5.35
N PRO A 6 0.69 -2.60 6.47
CA PRO A 6 -0.49 -1.86 6.94
C PRO A 6 -0.82 -0.67 6.05
N LYS A 7 -1.75 0.17 6.50
CA LYS A 7 -2.14 1.34 5.74
C LYS A 7 -1.12 2.46 5.86
N TRP A 8 -0.54 2.86 4.74
CA TRP A 8 0.46 3.92 4.73
C TRP A 8 1.67 3.54 5.57
N LYS A 9 2.48 2.62 5.07
CA LYS A 9 3.67 2.16 5.78
C LYS A 9 4.92 2.33 4.91
N GLY A 10 4.71 2.46 3.60
CA GLY A 10 5.83 2.63 2.69
C GLY A 10 6.21 1.33 2.00
N CYS A 11 5.93 1.25 0.70
CA CYS A 11 6.24 0.05 -0.07
C CYS A 11 7.07 0.41 -1.30
N VAL A 12 8.32 0.79 -1.08
CA VAL A 12 9.22 1.15 -2.18
C VAL A 12 9.87 -0.08 -2.78
N ASN A 13 9.76 -1.21 -2.09
CA ASN A 13 10.35 -2.46 -2.55
C ASN A 13 9.41 -3.63 -2.29
N ARG A 14 8.17 -3.32 -1.92
CA ARG A 14 7.17 -4.35 -1.64
C ARG A 14 5.77 -3.86 -1.97
N HIS A 15 5.49 -3.69 -3.26
CA HIS A 15 4.19 -3.23 -3.71
C HIS A 15 3.13 -4.31 -3.54
N GLY A 16 3.42 -5.51 -4.04
CA GLY A 16 2.49 -6.61 -3.94
C GLY A 16 2.66 -7.39 -2.66
N ASP A 17 2.63 -6.69 -1.53
CA ASP A 17 2.79 -7.33 -0.22
C ASP A 17 1.93 -6.62 0.83
N CYS A 18 1.03 -5.76 0.37
CA CYS A 18 0.16 -5.02 1.28
C CYS A 18 -0.96 -5.91 1.80
N CYS A 19 -1.53 -5.54 2.95
CA CYS A 19 -2.61 -6.30 3.56
C CYS A 19 -3.80 -6.41 2.60
N GLU A 20 -4.60 -7.44 2.80
CA GLU A 20 -5.77 -7.67 1.96
C GLU A 20 -6.64 -6.41 1.89
N GLY A 21 -6.72 -5.82 0.70
CA GLY A 21 -7.52 -4.62 0.53
C GLY A 21 -6.67 -3.37 0.41
N LEU A 22 -5.37 -3.56 0.18
CA LEU A 22 -4.45 -2.44 0.05
C LEU A 22 -3.76 -2.47 -1.32
N GLU A 23 -3.42 -1.28 -1.82
CA GLU A 23 -2.76 -1.16 -3.11
C GLU A 23 -1.64 -0.12 -3.05
N CYS A 24 -0.41 -0.57 -3.29
CA CYS A 24 0.75 0.32 -3.27
C CYS A 24 0.59 1.45 -4.30
N TRP A 25 0.45 2.67 -3.81
CA TRP A 25 0.29 3.82 -4.69
C TRP A 25 1.56 4.66 -4.70
N LYS A 26 1.89 5.20 -5.88
CA LYS A 26 3.08 6.02 -6.04
C LYS A 26 2.72 7.51 -5.99
N ARG A 27 3.57 8.29 -5.32
CA ARG A 27 3.35 9.72 -5.19
C ARG A 27 4.65 10.50 -5.38
N ARG A 28 4.56 11.70 -5.92
CA ARG A 28 5.73 12.53 -6.16
C ARG A 28 6.08 13.32 -4.89
N ARG A 29 5.07 13.58 -4.06
CA ARG A 29 5.28 14.33 -2.83
C ARG A 29 5.68 13.40 -1.69
N SER A 30 5.27 12.14 -1.78
CA SER A 30 5.57 11.15 -0.76
C SER A 30 5.91 9.80 -1.39
N PHE A 31 6.84 9.09 -0.77
CA PHE A 31 7.26 7.78 -1.27
C PHE A 31 6.06 6.85 -1.41
N GLU A 32 6.24 5.80 -2.20
CA GLU A 32 5.17 4.82 -2.43
C GLU A 32 4.71 4.20 -1.12
N VAL A 33 3.40 4.16 -0.92
CA VAL A 33 2.83 3.59 0.29
C VAL A 33 1.58 2.78 -0.01
N CYS A 34 1.30 1.79 0.83
CA CYS A 34 0.13 0.94 0.65
C CYS A 34 -1.15 1.66 1.09
N VAL A 35 -1.91 2.14 0.11
CA VAL A 35 -3.15 2.86 0.39
C VAL A 35 -4.36 1.94 0.23
N PRO A 36 -5.45 2.27 0.93
CA PRO A 36 -6.69 1.48 0.89
C PRO A 36 -7.40 1.61 -0.45
N LYS A 37 -7.76 0.48 -1.04
CA LYS A 37 -8.44 0.46 -2.32
C LYS A 37 -9.68 1.36 -2.29
N THR A 38 -9.96 2.02 -3.41
CA THR A 38 -11.10 2.91 -3.51
C THR A 38 -12.41 2.13 -3.48
N PRO A 39 -13.51 2.82 -3.15
CA PRO A 39 -14.84 2.21 -3.08
C PRO A 39 -15.38 1.83 -4.46
N LYS A 40 -15.62 0.55 -4.66
CA LYS A 40 -16.14 0.06 -5.94
C LYS A 40 -17.66 -0.08 -5.89
N THR A 41 -18.34 0.79 -6.63
CA THR A 41 -19.81 0.76 -6.67
C THR A 41 -20.31 -0.44 -7.47
N SER A 1 8.07 -9.48 12.80
CA SER A 1 6.68 -9.92 12.77
C SER A 1 5.88 -9.11 11.76
N GLU A 2 5.95 -9.51 10.49
CA GLU A 2 5.23 -8.82 9.43
C GLU A 2 4.68 -9.82 8.42
N ASP A 3 3.36 -9.84 8.28
CA ASP A 3 2.69 -10.73 7.35
C ASP A 3 2.11 -9.98 6.17
N CYS A 4 2.07 -8.65 6.28
CA CYS A 4 1.53 -7.80 5.22
C CYS A 4 1.74 -6.32 5.56
N ILE A 5 1.81 -5.49 4.53
CA ILE A 5 1.99 -4.05 4.72
C ILE A 5 0.67 -3.38 5.03
N PRO A 6 0.61 -2.72 6.21
CA PRO A 6 -0.60 -2.00 6.66
C PRO A 6 -0.87 -0.76 5.84
N LYS A 7 -1.82 0.04 6.29
CA LYS A 7 -2.18 1.28 5.60
C LYS A 7 -1.12 2.35 5.81
N TRP A 8 -0.51 2.80 4.72
CA TRP A 8 0.53 3.82 4.79
C TRP A 8 1.69 3.36 5.64
N LYS A 9 2.48 2.42 5.12
CA LYS A 9 3.63 1.90 5.83
C LYS A 9 4.90 2.03 5.00
N GLY A 10 4.73 2.22 3.70
CA GLY A 10 5.87 2.36 2.81
C GLY A 10 6.12 1.13 1.97
N CYS A 11 5.84 1.22 0.68
CA CYS A 11 6.03 0.10 -0.23
C CYS A 11 7.02 0.46 -1.34
N VAL A 12 8.10 1.13 -0.95
CA VAL A 12 9.13 1.53 -1.91
C VAL A 12 9.74 0.31 -2.60
N ASN A 13 9.58 -0.85 -1.99
CA ASN A 13 10.11 -2.08 -2.54
C ASN A 13 9.06 -3.19 -2.53
N ARG A 14 8.29 -3.26 -1.45
CA ARG A 14 7.25 -4.27 -1.31
C ARG A 14 5.91 -3.74 -1.82
N HIS A 15 5.76 -3.70 -3.14
CA HIS A 15 4.52 -3.21 -3.76
C HIS A 15 3.40 -4.24 -3.61
N GLY A 16 3.69 -5.48 -4.00
CA GLY A 16 2.70 -6.53 -3.91
C GLY A 16 2.78 -7.30 -2.61
N ASP A 17 2.64 -6.58 -1.49
CA ASP A 17 2.70 -7.20 -0.18
C ASP A 17 1.78 -6.48 0.81
N CYS A 18 0.85 -5.68 0.27
CA CYS A 18 -0.09 -4.94 1.09
C CYS A 18 -1.21 -5.85 1.58
N CYS A 19 -1.64 -5.63 2.82
CA CYS A 19 -2.71 -6.43 3.41
C CYS A 19 -3.93 -6.46 2.50
N GLU A 20 -4.79 -7.46 2.69
CA GLU A 20 -6.00 -7.60 1.90
C GLU A 20 -6.79 -6.30 1.88
N GLY A 21 -7.12 -5.82 0.68
CA GLY A 21 -7.88 -4.59 0.55
C GLY A 21 -6.99 -3.37 0.43
N LEU A 22 -5.69 -3.60 0.24
CA LEU A 22 -4.73 -2.51 0.11
C LEU A 22 -4.03 -2.57 -1.24
N GLU A 23 -3.40 -1.47 -1.63
CA GLU A 23 -2.69 -1.39 -2.90
C GLU A 23 -1.57 -0.35 -2.83
N CYS A 24 -0.38 -0.74 -3.32
CA CYS A 24 0.77 0.14 -3.32
C CYS A 24 0.57 1.31 -4.29
N TRP A 25 0.45 2.51 -3.74
CA TRP A 25 0.25 3.71 -4.55
C TRP A 25 1.54 4.52 -4.64
N LYS A 26 1.73 5.20 -5.77
CA LYS A 26 2.91 6.02 -5.99
C LYS A 26 2.64 7.48 -5.63
N ARG A 27 3.70 8.23 -5.40
CA ARG A 27 3.57 9.64 -5.04
C ARG A 27 4.85 10.41 -5.41
N ARG A 28 4.67 11.56 -6.03
CA ARG A 28 5.80 12.39 -6.43
C ARG A 28 6.33 13.21 -5.26
N ARG A 29 5.42 13.80 -4.50
CA ARG A 29 5.80 14.61 -3.34
C ARG A 29 6.12 13.71 -2.14
N SER A 30 5.52 12.53 -2.11
CA SER A 30 5.75 11.59 -1.02
C SER A 30 6.41 10.31 -1.53
N PHE A 31 6.46 9.30 -0.67
CA PHE A 31 7.07 8.02 -1.04
C PHE A 31 6.00 6.96 -1.25
N GLU A 32 6.36 5.89 -1.95
CA GLU A 32 5.44 4.80 -2.23
C GLU A 32 4.89 4.21 -0.93
N VAL A 33 3.57 4.07 -0.86
CA VAL A 33 2.92 3.52 0.32
C VAL A 33 1.68 2.73 -0.05
N CYS A 34 1.31 1.78 0.81
CA CYS A 34 0.14 0.94 0.56
C CYS A 34 -1.14 1.67 0.98
N VAL A 35 -1.87 2.18 0.00
CA VAL A 35 -3.12 2.88 0.27
C VAL A 35 -4.31 1.93 0.28
N PRO A 36 -5.36 2.29 1.03
CA PRO A 36 -6.57 1.49 1.15
C PRO A 36 -7.38 1.47 -0.15
N LYS A 37 -7.75 0.28 -0.60
CA LYS A 37 -8.53 0.12 -1.82
C LYS A 37 -9.89 0.79 -1.68
N THR A 38 -10.37 1.38 -2.77
CA THR A 38 -11.67 2.05 -2.76
C THR A 38 -12.63 1.38 -3.74
N PRO A 39 -13.94 1.62 -3.54
CA PRO A 39 -14.98 1.05 -4.39
C PRO A 39 -15.00 1.67 -5.78
N LYS A 40 -14.99 0.81 -6.80
CA LYS A 40 -15.00 1.27 -8.19
C LYS A 40 -16.31 1.96 -8.52
N THR A 41 -16.22 3.13 -9.12
CA THR A 41 -17.41 3.90 -9.50
C THR A 41 -18.11 3.27 -10.70
N SER A 1 0.89 -14.09 12.48
CA SER A 1 -0.23 -14.38 11.59
C SER A 1 -0.52 -13.19 10.68
N GLU A 2 -0.15 -12.00 11.13
CA GLU A 2 -0.38 -10.79 10.35
C GLU A 2 0.87 -10.42 9.55
N ASP A 3 1.09 -11.13 8.45
CA ASP A 3 2.25 -10.89 7.61
C ASP A 3 1.85 -10.07 6.38
N CYS A 4 1.84 -8.75 6.53
CA CYS A 4 1.47 -7.86 5.43
C CYS A 4 1.69 -6.40 5.83
N ILE A 5 1.76 -5.53 4.83
CA ILE A 5 1.96 -4.10 5.06
C ILE A 5 0.65 -3.42 5.43
N PRO A 6 0.66 -2.67 6.53
CA PRO A 6 -0.52 -1.94 7.00
C PRO A 6 -0.89 -0.77 6.10
N LYS A 7 -1.84 0.04 6.55
CA LYS A 7 -2.29 1.19 5.79
C LYS A 7 -1.28 2.33 5.88
N TRP A 8 -0.68 2.69 4.74
CA TRP A 8 0.30 3.76 4.69
C TRP A 8 1.51 3.43 5.56
N LYS A 9 2.37 2.55 5.06
CA LYS A 9 3.56 2.15 5.79
C LYS A 9 4.82 2.37 4.94
N GLY A 10 4.63 2.51 3.64
CA GLY A 10 5.75 2.72 2.74
C GLY A 10 6.17 1.46 2.02
N CYS A 11 5.81 1.36 0.74
CA CYS A 11 6.15 0.19 -0.06
C CYS A 11 6.97 0.59 -1.28
N VAL A 12 8.17 1.10 -1.03
CA VAL A 12 9.05 1.53 -2.12
C VAL A 12 9.52 0.34 -2.94
N ASN A 13 9.33 -0.86 -2.40
CA ASN A 13 9.74 -2.08 -3.08
C ASN A 13 8.69 -3.17 -2.92
N ARG A 14 8.14 -3.29 -1.72
CA ARG A 14 7.11 -4.29 -1.44
C ARG A 14 5.74 -3.80 -1.85
N HIS A 15 5.51 -3.70 -3.16
CA HIS A 15 4.24 -3.23 -3.68
C HIS A 15 3.16 -4.31 -3.54
N GLY A 16 3.47 -5.51 -4.00
CA GLY A 16 2.52 -6.60 -3.92
C GLY A 16 2.69 -7.41 -2.64
N ASP A 17 2.69 -6.71 -1.51
CA ASP A 17 2.83 -7.36 -0.21
C ASP A 17 1.98 -6.67 0.85
N CYS A 18 1.08 -5.80 0.39
CA CYS A 18 0.20 -5.06 1.30
C CYS A 18 -0.92 -5.97 1.82
N CYS A 19 -1.47 -5.61 2.98
CA CYS A 19 -2.54 -6.39 3.58
C CYS A 19 -3.73 -6.51 2.62
N GLU A 20 -4.52 -7.57 2.81
CA GLU A 20 -5.69 -7.79 1.96
C GLU A 20 -6.58 -6.55 1.90
N GLY A 21 -6.67 -5.95 0.72
CA GLY A 21 -7.48 -4.76 0.55
C GLY A 21 -6.64 -3.51 0.43
N LEU A 22 -5.35 -3.68 0.20
CA LEU A 22 -4.44 -2.54 0.07
C LEU A 22 -3.75 -2.56 -1.29
N GLU A 23 -3.44 -1.37 -1.80
CA GLU A 23 -2.78 -1.25 -3.09
C GLU A 23 -1.67 -0.19 -3.04
N CYS A 24 -0.45 -0.62 -3.31
CA CYS A 24 0.70 0.29 -3.30
C CYS A 24 0.51 1.42 -4.30
N TRP A 25 0.41 2.64 -3.80
CA TRP A 25 0.23 3.81 -4.65
C TRP A 25 1.51 4.64 -4.72
N LYS A 26 1.83 5.12 -5.91
CA LYS A 26 3.03 5.93 -6.10
C LYS A 26 2.74 7.40 -5.81
N ARG A 27 3.80 8.15 -5.48
CA ARG A 27 3.66 9.57 -5.17
C ARG A 27 4.94 10.32 -5.51
N ARG A 28 4.81 11.62 -5.75
CA ARG A 28 5.95 12.46 -6.09
C ARG A 28 6.51 13.15 -4.86
N ARG A 29 5.68 13.98 -4.22
CA ARG A 29 6.08 14.71 -3.03
C ARG A 29 6.42 13.74 -1.90
N SER A 30 5.87 12.54 -1.96
CA SER A 30 6.11 11.52 -0.95
C SER A 30 6.55 10.20 -1.58
N PHE A 31 6.71 9.18 -0.75
CA PHE A 31 7.13 7.86 -1.23
C PHE A 31 5.93 6.93 -1.38
N GLU A 32 6.11 5.87 -2.16
CA GLU A 32 5.05 4.90 -2.39
C GLU A 32 4.59 4.28 -1.07
N VAL A 33 3.27 4.20 -0.88
CA VAL A 33 2.71 3.63 0.33
C VAL A 33 1.47 2.80 0.02
N CYS A 34 1.23 1.78 0.84
CA CYS A 34 0.07 0.91 0.65
C CYS A 34 -1.22 1.60 1.10
N VAL A 35 -1.99 2.08 0.13
CA VAL A 35 -3.25 2.76 0.42
C VAL A 35 -4.43 1.83 0.25
N PRO A 36 -5.53 2.12 0.97
CA PRO A 36 -6.75 1.32 0.91
C PRO A 36 -7.47 1.45 -0.42
N LYS A 37 -7.80 0.32 -1.03
CA LYS A 37 -8.50 0.31 -2.31
C LYS A 37 -9.75 1.18 -2.26
N THR A 38 -10.05 1.82 -3.39
CA THR A 38 -11.22 2.69 -3.47
C THR A 38 -12.03 2.40 -4.74
N PRO A 39 -13.31 2.81 -4.72
CA PRO A 39 -14.22 2.62 -5.86
C PRO A 39 -13.84 3.49 -7.06
N LYS A 40 -13.07 2.92 -7.98
CA LYS A 40 -12.65 3.64 -9.18
C LYS A 40 -13.31 3.06 -10.42
N THR A 41 -14.18 3.86 -11.05
CA THR A 41 -14.88 3.43 -12.25
C THR A 41 -13.92 3.34 -13.45
N SER A 1 -1.77 -13.84 12.12
CA SER A 1 -0.58 -13.42 11.39
C SER A 1 -0.73 -12.00 10.87
N GLU A 2 0.30 -11.18 11.06
CA GLU A 2 0.27 -9.79 10.60
C GLU A 2 1.35 -9.55 9.56
N ASP A 3 1.61 -10.55 8.73
CA ASP A 3 2.61 -10.44 7.68
C ASP A 3 2.06 -9.71 6.47
N CYS A 4 2.05 -8.39 6.53
CA CYS A 4 1.55 -7.57 5.43
C CYS A 4 1.79 -6.09 5.71
N ILE A 5 1.76 -5.29 4.64
CA ILE A 5 1.97 -3.85 4.77
C ILE A 5 0.67 -3.13 5.06
N PRO A 6 0.61 -2.43 6.20
CA PRO A 6 -0.58 -1.67 6.61
C PRO A 6 -0.83 -0.45 5.74
N LYS A 7 -1.76 0.39 6.15
CA LYS A 7 -2.10 1.60 5.41
C LYS A 7 -1.04 2.68 5.63
N TRP A 8 -0.41 3.09 4.53
CA TRP A 8 0.63 4.12 4.60
C TRP A 8 1.81 3.65 5.45
N LYS A 9 2.55 2.66 4.93
CA LYS A 9 3.71 2.13 5.62
C LYS A 9 4.94 2.17 4.74
N GLY A 10 4.73 2.32 3.44
CA GLY A 10 5.85 2.38 2.50
C GLY A 10 6.03 1.08 1.74
N CYS A 11 5.92 1.16 0.42
CA CYS A 11 6.08 -0.02 -0.43
C CYS A 11 7.05 0.26 -1.57
N VAL A 12 8.25 0.72 -1.22
CA VAL A 12 9.27 1.03 -2.21
C VAL A 12 9.96 -0.24 -2.69
N ASN A 13 9.90 -1.29 -1.89
CA ASN A 13 10.52 -2.57 -2.23
C ASN A 13 9.53 -3.71 -2.05
N ARG A 14 8.30 -3.38 -1.70
CA ARG A 14 7.26 -4.38 -1.50
C ARG A 14 5.90 -3.86 -1.95
N HIS A 15 5.69 -3.84 -3.26
CA HIS A 15 4.42 -3.36 -3.82
C HIS A 15 3.30 -4.38 -3.60
N GLY A 16 3.58 -5.63 -3.98
CA GLY A 16 2.58 -6.67 -3.82
C GLY A 16 2.69 -7.37 -2.48
N ASP A 17 2.60 -6.60 -1.40
CA ASP A 17 2.70 -7.16 -0.05
C ASP A 17 1.76 -6.40 0.90
N CYS A 18 0.86 -5.62 0.34
CA CYS A 18 -0.09 -4.86 1.14
C CYS A 18 -1.21 -5.75 1.67
N CYS A 19 -1.65 -5.48 2.89
CA CYS A 19 -2.71 -6.25 3.51
C CYS A 19 -3.94 -6.32 2.61
N GLU A 20 -4.80 -7.31 2.86
CA GLU A 20 -6.01 -7.48 2.07
C GLU A 20 -6.81 -6.18 2.01
N GLY A 21 -7.13 -5.75 0.79
CA GLY A 21 -7.88 -4.52 0.61
C GLY A 21 -6.99 -3.31 0.43
N LEU A 22 -5.69 -3.55 0.25
CA LEU A 22 -4.73 -2.46 0.06
C LEU A 22 -4.03 -2.58 -1.29
N GLU A 23 -3.42 -1.49 -1.73
CA GLU A 23 -2.71 -1.47 -3.00
C GLU A 23 -1.59 -0.43 -2.99
N CYS A 24 -0.41 -0.84 -3.44
CA CYS A 24 0.73 0.05 -3.48
C CYS A 24 0.52 1.17 -4.50
N TRP A 25 0.72 2.41 -4.07
CA TRP A 25 0.56 3.57 -4.94
C TRP A 25 1.77 4.48 -4.86
N LYS A 26 2.15 5.05 -6.01
CA LYS A 26 3.29 5.95 -6.07
C LYS A 26 2.86 7.40 -5.81
N ARG A 27 3.44 8.00 -4.79
CA ARG A 27 3.12 9.39 -4.44
C ARG A 27 4.20 10.34 -4.94
N ARG A 28 3.78 11.55 -5.30
CA ARG A 28 4.72 12.56 -5.80
C ARG A 28 5.29 13.38 -4.65
N ARG A 29 4.47 13.58 -3.62
CA ARG A 29 4.88 14.36 -2.46
C ARG A 29 5.61 13.48 -1.44
N SER A 30 5.30 12.18 -1.47
CA SER A 30 5.92 11.23 -0.56
C SER A 30 6.31 9.94 -1.28
N PHE A 31 7.04 9.08 -0.60
CA PHE A 31 7.47 7.81 -1.17
C PHE A 31 6.29 6.88 -1.37
N GLU A 32 6.47 5.87 -2.22
CA GLU A 32 5.42 4.91 -2.50
C GLU A 32 4.95 4.23 -1.21
N VAL A 33 3.63 4.17 -1.04
CA VAL A 33 3.04 3.56 0.15
C VAL A 33 1.78 2.79 -0.20
N CYS A 34 1.44 1.80 0.63
CA CYS A 34 0.26 0.99 0.42
C CYS A 34 -1.01 1.76 0.79
N VAL A 35 -1.71 2.25 -0.23
CA VAL A 35 -2.95 3.01 -0.01
C VAL A 35 -4.15 2.07 0.08
N PRO A 36 -5.19 2.52 0.79
CA PRO A 36 -6.43 1.74 0.95
C PRO A 36 -7.23 1.64 -0.33
N LYS A 37 -7.63 0.42 -0.69
CA LYS A 37 -8.40 0.19 -1.90
C LYS A 37 -9.75 0.90 -1.82
N THR A 38 -10.19 1.44 -2.96
CA THR A 38 -11.47 2.14 -3.03
C THR A 38 -12.63 1.19 -2.76
N PRO A 39 -13.78 1.76 -2.38
CA PRO A 39 -14.99 0.98 -2.09
C PRO A 39 -15.60 0.36 -3.34
N LYS A 40 -15.36 -0.93 -3.54
CA LYS A 40 -15.89 -1.64 -4.70
C LYS A 40 -17.20 -2.32 -4.38
N THR A 41 -18.30 -1.80 -4.92
CA THR A 41 -19.62 -2.37 -4.68
C THR A 41 -20.04 -3.29 -5.82
N SER A 1 1.02 -13.24 13.71
CA SER A 1 1.95 -12.19 13.35
C SER A 1 1.47 -11.44 12.10
N GLU A 2 1.57 -10.12 12.15
CA GLU A 2 1.13 -9.29 11.02
C GLU A 2 2.10 -9.44 9.85
N ASP A 3 1.70 -10.23 8.86
CA ASP A 3 2.52 -10.45 7.68
C ASP A 3 1.94 -9.71 6.46
N CYS A 4 1.95 -8.39 6.53
CA CYS A 4 1.43 -7.56 5.44
C CYS A 4 1.67 -6.08 5.71
N ILE A 5 1.75 -5.30 4.64
CA ILE A 5 1.97 -3.86 4.77
C ILE A 5 0.68 -3.13 5.05
N PRO A 6 0.64 -2.42 6.20
CA PRO A 6 -0.54 -1.65 6.61
C PRO A 6 -0.77 -0.43 5.74
N LYS A 7 -1.70 0.43 6.15
CA LYS A 7 -2.01 1.64 5.40
C LYS A 7 -0.95 2.71 5.62
N TRP A 8 -0.30 3.11 4.53
CA TRP A 8 0.74 4.14 4.61
C TRP A 8 1.92 3.64 5.44
N LYS A 9 2.64 2.65 4.92
CA LYS A 9 3.78 2.09 5.61
C LYS A 9 5.02 2.13 4.73
N GLY A 10 4.81 2.26 3.42
CA GLY A 10 5.91 2.31 2.48
C GLY A 10 6.09 1.01 1.71
N CYS A 11 5.98 1.09 0.40
CA CYS A 11 6.13 -0.09 -0.45
C CYS A 11 7.09 0.18 -1.60
N VAL A 12 8.18 0.89 -1.30
CA VAL A 12 9.18 1.22 -2.30
C VAL A 12 9.79 -0.05 -2.89
N ASN A 13 9.65 -1.16 -2.18
CA ASN A 13 10.19 -2.43 -2.62
C ASN A 13 9.13 -3.53 -2.57
N ARG A 14 8.31 -3.49 -1.51
CA ARG A 14 7.26 -4.49 -1.34
C ARG A 14 5.92 -3.95 -1.84
N HIS A 15 5.74 -3.96 -3.15
CA HIS A 15 4.51 -3.48 -3.76
C HIS A 15 3.37 -4.48 -3.56
N GLY A 16 3.63 -5.73 -3.90
CA GLY A 16 2.62 -6.77 -3.74
C GLY A 16 2.69 -7.46 -2.40
N ASP A 17 2.57 -6.69 -1.32
CA ASP A 17 2.63 -7.24 0.03
C ASP A 17 1.72 -6.46 0.97
N CYS A 18 0.81 -5.67 0.40
CA CYS A 18 -0.12 -4.88 1.19
C CYS A 18 -1.26 -5.74 1.72
N CYS A 19 -1.69 -5.45 2.95
CA CYS A 19 -2.77 -6.21 3.57
C CYS A 19 -3.99 -6.26 2.66
N GLU A 20 -4.89 -7.20 2.94
CA GLU A 20 -6.10 -7.35 2.15
C GLU A 20 -6.87 -6.04 2.06
N GLY A 21 -7.17 -5.62 0.84
CA GLY A 21 -7.90 -4.37 0.64
C GLY A 21 -6.98 -3.19 0.44
N LEU A 22 -5.69 -3.46 0.28
CA LEU A 22 -4.69 -2.41 0.09
C LEU A 22 -4.00 -2.56 -1.25
N GLU A 23 -3.37 -1.49 -1.72
CA GLU A 23 -2.66 -1.50 -2.99
C GLU A 23 -1.53 -0.47 -3.00
N CYS A 24 -0.35 -0.90 -3.45
CA CYS A 24 0.81 -0.02 -3.50
C CYS A 24 0.60 1.09 -4.54
N TRP A 25 0.88 2.32 -4.14
CA TRP A 25 0.73 3.47 -5.02
C TRP A 25 1.87 4.46 -4.84
N LYS A 26 2.39 4.96 -5.96
CA LYS A 26 3.49 5.93 -5.92
C LYS A 26 2.96 7.35 -5.91
N ARG A 27 3.52 8.18 -5.04
CA ARG A 27 3.11 9.58 -4.93
C ARG A 27 4.32 10.52 -5.01
N ARG A 28 4.10 11.71 -5.53
CA ARG A 28 5.18 12.70 -5.66
C ARG A 28 5.38 13.45 -4.35
N ARG A 29 4.31 13.53 -3.55
CA ARG A 29 4.38 14.22 -2.27
C ARG A 29 5.03 13.35 -1.20
N SER A 30 4.86 12.03 -1.33
CA SER A 30 5.42 11.09 -0.38
C SER A 30 5.85 9.81 -1.08
N PHE A 31 6.86 9.15 -0.52
CA PHE A 31 7.37 7.90 -1.10
C PHE A 31 6.24 6.91 -1.33
N GLU A 32 6.49 5.92 -2.19
CA GLU A 32 5.49 4.90 -2.49
C GLU A 32 5.03 4.20 -1.22
N VAL A 33 3.71 4.15 -1.02
CA VAL A 33 3.12 3.51 0.14
C VAL A 33 1.86 2.73 -0.22
N CYS A 34 1.51 1.77 0.62
CA CYS A 34 0.31 0.96 0.39
C CYS A 34 -0.95 1.73 0.75
N VAL A 35 -1.65 2.23 -0.28
CA VAL A 35 -2.87 2.99 -0.06
C VAL A 35 -4.08 2.07 0.01
N PRO A 36 -5.13 2.52 0.73
CA PRO A 36 -6.36 1.74 0.90
C PRO A 36 -7.16 1.65 -0.40
N LYS A 37 -7.56 0.43 -0.75
CA LYS A 37 -8.33 0.20 -1.96
C LYS A 37 -9.67 0.92 -1.89
N THR A 38 -10.10 1.48 -3.02
CA THR A 38 -11.37 2.20 -3.09
C THR A 38 -12.47 1.31 -3.64
N PRO A 39 -13.73 1.69 -3.37
CA PRO A 39 -14.90 0.93 -3.83
C PRO A 39 -15.09 1.04 -5.34
N LYS A 40 -14.37 0.21 -6.09
CA LYS A 40 -14.47 0.21 -7.54
C LYS A 40 -15.01 -1.13 -8.05
N THR A 41 -16.23 -1.11 -8.55
CA THR A 41 -16.87 -2.31 -9.07
C THR A 41 -16.10 -2.86 -10.26
N SER A 1 3.52 -8.85 14.76
CA SER A 1 2.22 -9.51 14.82
C SER A 1 1.39 -9.21 13.57
N GLU A 2 2.08 -9.07 12.44
CA GLU A 2 1.41 -8.77 11.18
C GLU A 2 2.19 -9.38 10.01
N ASP A 3 1.46 -10.00 9.09
CA ASP A 3 2.07 -10.62 7.92
C ASP A 3 1.72 -9.85 6.65
N CYS A 4 1.75 -8.52 6.73
CA CYS A 4 1.42 -7.68 5.59
C CYS A 4 1.65 -6.20 5.92
N ILE A 5 1.77 -5.39 4.88
CA ILE A 5 1.99 -3.96 5.07
C ILE A 5 0.69 -3.23 5.40
N PRO A 6 0.70 -2.45 6.49
CA PRO A 6 -0.46 -1.69 6.94
C PRO A 6 -0.80 -0.54 6.00
N LYS A 7 -1.72 0.31 6.43
CA LYS A 7 -2.14 1.45 5.63
C LYS A 7 -1.12 2.58 5.71
N TRP A 8 -0.53 2.93 4.57
CA TRP A 8 0.47 3.99 4.52
C TRP A 8 1.68 3.64 5.38
N LYS A 9 2.50 2.71 4.90
CA LYS A 9 3.69 2.29 5.61
C LYS A 9 4.93 2.43 4.74
N GLY A 10 4.72 2.53 3.43
CA GLY A 10 5.83 2.68 2.51
C GLY A 10 6.22 1.37 1.86
N CYS A 11 5.90 1.22 0.58
CA CYS A 11 6.21 0.01 -0.16
C CYS A 11 7.06 0.33 -1.39
N VAL A 12 8.30 0.76 -1.16
CA VAL A 12 9.21 1.09 -2.24
C VAL A 12 9.82 -0.16 -2.85
N ASN A 13 9.62 -1.29 -2.19
CA ASN A 13 10.16 -2.56 -2.67
C ASN A 13 9.23 -3.72 -2.29
N ARG A 14 7.99 -3.39 -1.96
CA ARG A 14 7.00 -4.39 -1.58
C ARG A 14 5.60 -3.95 -1.96
N HIS A 15 5.32 -3.89 -3.26
CA HIS A 15 4.02 -3.48 -3.75
C HIS A 15 2.99 -4.58 -3.54
N GLY A 16 3.31 -5.79 -3.98
CA GLY A 16 2.40 -6.91 -3.82
C GLY A 16 2.59 -7.62 -2.50
N ASP A 17 2.63 -6.86 -1.41
CA ASP A 17 2.81 -7.43 -0.08
C ASP A 17 1.96 -6.68 0.95
N CYS A 18 1.09 -5.81 0.45
CA CYS A 18 0.21 -5.04 1.33
C CYS A 18 -0.92 -5.91 1.88
N CYS A 19 -1.48 -5.49 3.01
CA CYS A 19 -2.57 -6.23 3.64
C CYS A 19 -3.76 -6.36 2.70
N GLU A 20 -4.57 -7.40 2.91
CA GLU A 20 -5.74 -7.63 2.08
C GLU A 20 -6.60 -6.37 1.97
N GLY A 21 -6.68 -5.82 0.77
CA GLY A 21 -7.47 -4.62 0.56
C GLY A 21 -6.61 -3.38 0.41
N LEU A 22 -5.32 -3.58 0.18
CA LEU A 22 -4.39 -2.47 0.03
C LEU A 22 -3.70 -2.52 -1.33
N GLU A 23 -3.37 -1.35 -1.88
CA GLU A 23 -2.70 -1.27 -3.17
C GLU A 23 -1.59 -0.24 -3.15
N CYS A 24 -0.37 -0.69 -3.41
CA CYS A 24 0.79 0.19 -3.41
C CYS A 24 0.61 1.31 -4.43
N TRP A 25 0.54 2.55 -3.95
CA TRP A 25 0.37 3.71 -4.82
C TRP A 25 1.62 4.59 -4.79
N LYS A 26 1.87 5.29 -5.89
CA LYS A 26 3.02 6.17 -6.00
C LYS A 26 2.60 7.64 -5.82
N ARG A 27 3.51 8.44 -5.29
CA ARG A 27 3.23 9.86 -5.07
C ARG A 27 4.52 10.68 -5.18
N ARG A 28 4.39 11.91 -5.66
CA ARG A 28 5.53 12.80 -5.79
C ARG A 28 5.84 13.52 -4.48
N ARG A 29 4.81 13.66 -3.65
CA ARG A 29 4.97 14.33 -2.36
C ARG A 29 5.65 13.41 -1.35
N SER A 30 5.37 12.12 -1.46
CA SER A 30 5.95 11.14 -0.54
C SER A 30 6.20 9.81 -1.26
N PHE A 31 7.10 9.01 -0.71
CA PHE A 31 7.43 7.71 -1.28
C PHE A 31 6.18 6.85 -1.45
N GLU A 32 6.28 5.84 -2.30
CA GLU A 32 5.15 4.93 -2.55
C GLU A 32 4.73 4.23 -1.27
N VAL A 33 3.42 4.21 -1.01
CA VAL A 33 2.89 3.56 0.19
C VAL A 33 1.63 2.76 -0.13
N CYS A 34 1.35 1.76 0.69
CA CYS A 34 0.18 0.92 0.50
C CYS A 34 -1.09 1.64 0.92
N VAL A 35 -1.85 2.13 -0.06
CA VAL A 35 -3.09 2.85 0.22
C VAL A 35 -4.30 1.93 0.09
N PRO A 36 -5.38 2.26 0.80
CA PRO A 36 -6.62 1.48 0.77
C PRO A 36 -7.34 1.58 -0.57
N LYS A 37 -7.70 0.44 -1.13
CA LYS A 37 -8.41 0.39 -2.41
C LYS A 37 -9.63 1.29 -2.38
N THR A 38 -9.93 1.91 -3.52
CA THR A 38 -11.09 2.80 -3.62
C THR A 38 -12.12 2.24 -4.60
N PRO A 39 -13.37 2.72 -4.48
CA PRO A 39 -14.47 2.28 -5.35
C PRO A 39 -14.31 2.79 -6.77
N LYS A 40 -13.54 2.06 -7.57
CA LYS A 40 -13.31 2.43 -8.96
C LYS A 40 -14.17 1.59 -9.90
N THR A 41 -15.14 2.23 -10.55
CA THR A 41 -16.03 1.55 -11.47
C THR A 41 -15.96 2.15 -12.87
N SER A 1 0.64 -11.31 14.74
CA SER A 1 1.36 -11.92 13.65
C SER A 1 0.65 -11.68 12.32
N GLU A 2 1.02 -10.59 11.65
CA GLU A 2 0.41 -10.24 10.36
C GLU A 2 1.48 -9.94 9.32
N ASP A 3 1.70 -10.89 8.41
CA ASP A 3 2.70 -10.72 7.37
C ASP A 3 2.12 -9.96 6.18
N CYS A 4 2.08 -8.64 6.30
CA CYS A 4 1.54 -7.79 5.24
C CYS A 4 1.74 -6.31 5.58
N ILE A 5 1.80 -5.48 4.54
CA ILE A 5 1.99 -4.05 4.73
C ILE A 5 0.67 -3.36 5.04
N PRO A 6 0.60 -2.71 6.22
CA PRO A 6 -0.60 -1.99 6.66
C PRO A 6 -0.88 -0.74 5.83
N LYS A 7 -1.82 0.07 6.28
CA LYS A 7 -2.17 1.30 5.59
C LYS A 7 -1.12 2.38 5.82
N TRP A 8 -0.50 2.84 4.74
CA TRP A 8 0.53 3.87 4.82
C TRP A 8 1.71 3.40 5.67
N LYS A 9 2.47 2.45 5.14
CA LYS A 9 3.62 1.91 5.85
C LYS A 9 4.89 2.01 5.00
N GLY A 10 4.70 2.20 3.70
CA GLY A 10 5.83 2.32 2.80
C GLY A 10 6.05 1.07 1.97
N CYS A 11 5.89 1.21 0.65
CA CYS A 11 6.06 0.08 -0.26
C CYS A 11 7.05 0.43 -1.36
N VAL A 12 8.13 1.10 -0.99
CA VAL A 12 9.16 1.50 -1.95
C VAL A 12 9.77 0.28 -2.63
N ASN A 13 9.60 -0.89 -2.00
CA ASN A 13 10.14 -2.13 -2.55
C ASN A 13 9.09 -3.23 -2.54
N ARG A 14 8.31 -3.28 -1.46
CA ARG A 14 7.25 -4.29 -1.32
C ARG A 14 5.93 -3.75 -1.83
N HIS A 15 5.76 -3.70 -3.14
CA HIS A 15 4.54 -3.21 -3.75
C HIS A 15 3.40 -4.23 -3.60
N GLY A 16 3.69 -5.46 -4.00
CA GLY A 16 2.68 -6.52 -3.90
C GLY A 16 2.76 -7.28 -2.60
N ASP A 17 2.64 -6.56 -1.49
CA ASP A 17 2.70 -7.17 -0.16
C ASP A 17 1.77 -6.45 0.82
N CYS A 18 0.87 -5.65 0.27
CA CYS A 18 -0.08 -4.91 1.09
C CYS A 18 -1.21 -5.81 1.59
N CYS A 19 -1.63 -5.59 2.84
CA CYS A 19 -2.70 -6.39 3.42
C CYS A 19 -3.92 -6.41 2.52
N GLU A 20 -4.78 -7.41 2.72
CA GLU A 20 -5.99 -7.54 1.92
C GLU A 20 -6.79 -6.24 1.90
N GLY A 21 -7.12 -5.77 0.70
CA GLY A 21 -7.87 -4.54 0.57
C GLY A 21 -6.97 -3.32 0.44
N LEU A 22 -5.67 -3.56 0.25
CA LEU A 22 -4.71 -2.48 0.11
C LEU A 22 -4.00 -2.55 -1.23
N GLU A 23 -3.37 -1.45 -1.63
CA GLU A 23 -2.66 -1.38 -2.90
C GLU A 23 -1.54 -0.35 -2.84
N CYS A 24 -0.36 -0.74 -3.33
CA CYS A 24 0.79 0.14 -3.33
C CYS A 24 0.59 1.31 -4.30
N TRP A 25 0.44 2.50 -3.75
CA TRP A 25 0.23 3.70 -4.57
C TRP A 25 1.51 4.52 -4.67
N LYS A 26 1.72 5.15 -5.82
CA LYS A 26 2.90 5.99 -6.03
C LYS A 26 2.59 7.46 -5.80
N ARG A 27 3.64 8.27 -5.74
CA ARG A 27 3.48 9.70 -5.51
C ARG A 27 4.82 10.43 -5.65
N ARG A 28 4.77 11.67 -6.12
CA ARG A 28 5.98 12.47 -6.30
C ARG A 28 6.26 13.32 -5.07
N ARG A 29 5.20 13.59 -4.30
CA ARG A 29 5.34 14.40 -3.10
C ARG A 29 5.69 13.52 -1.89
N SER A 30 5.29 12.25 -1.95
CA SER A 30 5.56 11.31 -0.88
C SER A 30 6.05 9.98 -1.42
N PHE A 31 6.80 9.25 -0.60
CA PHE A 31 7.33 7.95 -1.00
C PHE A 31 6.20 6.95 -1.21
N GLU A 32 6.50 5.86 -1.93
CA GLU A 32 5.52 4.83 -2.21
C GLU A 32 4.95 4.26 -0.91
N VAL A 33 3.63 4.08 -0.88
CA VAL A 33 2.96 3.55 0.30
C VAL A 33 1.72 2.75 -0.08
N CYS A 34 1.33 1.82 0.79
CA CYS A 34 0.16 0.99 0.54
C CYS A 34 -1.12 1.72 0.95
N VAL A 35 -1.85 2.22 -0.03
CA VAL A 35 -3.10 2.94 0.22
C VAL A 35 -4.28 1.98 0.25
N PRO A 36 -5.32 2.36 1.00
CA PRO A 36 -6.55 1.54 1.13
C PRO A 36 -7.36 1.52 -0.16
N LYS A 37 -7.72 0.32 -0.60
CA LYS A 37 -8.50 0.16 -1.82
C LYS A 37 -9.87 0.83 -1.68
N THR A 38 -10.37 1.37 -2.79
CA THR A 38 -11.65 2.04 -2.80
C THR A 38 -12.58 1.44 -3.85
N PRO A 39 -13.90 1.67 -3.68
CA PRO A 39 -14.91 1.17 -4.61
C PRO A 39 -14.86 1.87 -5.96
N LYS A 40 -15.65 1.38 -6.91
CA LYS A 40 -15.70 1.96 -8.25
C LYS A 40 -16.73 3.08 -8.32
N THR A 41 -16.26 4.28 -8.66
CA THR A 41 -17.14 5.43 -8.75
C THR A 41 -17.47 5.77 -10.21
N SER A 1 6.06 -9.69 13.87
CA SER A 1 4.65 -9.92 13.57
C SER A 1 4.22 -9.18 12.30
N GLU A 2 5.05 -9.28 11.27
CA GLU A 2 4.77 -8.60 10.00
C GLU A 2 4.40 -9.62 8.93
N ASP A 3 3.13 -9.64 8.55
CA ASP A 3 2.65 -10.57 7.53
C ASP A 3 2.03 -9.81 6.36
N CYS A 4 2.02 -8.48 6.46
CA CYS A 4 1.46 -7.64 5.40
C CYS A 4 1.69 -6.16 5.72
N ILE A 5 1.72 -5.34 4.68
CA ILE A 5 1.93 -3.91 4.83
C ILE A 5 0.61 -3.20 5.13
N PRO A 6 0.56 -2.49 6.28
CA PRO A 6 -0.64 -1.74 6.70
C PRO A 6 -0.90 -0.53 5.82
N LYS A 7 -1.84 0.31 6.26
CA LYS A 7 -2.18 1.52 5.51
C LYS A 7 -1.13 2.60 5.70
N TRP A 8 -0.48 2.99 4.62
CA TRP A 8 0.55 4.02 4.67
C TRP A 8 1.74 3.57 5.51
N LYS A 9 2.49 2.61 4.99
CA LYS A 9 3.66 2.08 5.69
C LYS A 9 4.90 2.17 4.83
N GLY A 10 4.70 2.29 3.51
CA GLY A 10 5.82 2.39 2.59
C GLY A 10 6.04 1.10 1.82
N CYS A 11 5.88 1.16 0.50
CA CYS A 11 6.07 0.00 -0.35
C CYS A 11 6.97 0.33 -1.53
N VAL A 12 8.07 1.04 -1.25
CA VAL A 12 9.01 1.43 -2.29
C VAL A 12 9.63 0.19 -2.95
N ASN A 13 9.52 -0.96 -2.28
CA ASN A 13 10.06 -2.20 -2.80
C ASN A 13 9.03 -3.32 -2.72
N ARG A 14 8.30 -3.36 -1.61
CA ARG A 14 7.28 -4.38 -1.41
C ARG A 14 5.91 -3.89 -1.86
N HIS A 15 5.69 -3.86 -3.17
CA HIS A 15 4.42 -3.41 -3.73
C HIS A 15 3.33 -4.45 -3.51
N GLY A 16 3.62 -5.69 -3.89
CA GLY A 16 2.65 -6.75 -3.73
C GLY A 16 2.75 -7.44 -2.39
N ASP A 17 2.68 -6.64 -1.32
CA ASP A 17 2.76 -7.18 0.04
C ASP A 17 1.81 -6.45 0.97
N CYS A 18 0.89 -5.67 0.39
CA CYS A 18 -0.07 -4.91 1.17
C CYS A 18 -1.19 -5.81 1.69
N CYS A 19 -1.63 -5.56 2.92
CA CYS A 19 -2.69 -6.35 3.52
C CYS A 19 -3.91 -6.43 2.61
N GLU A 20 -4.75 -7.43 2.85
CA GLU A 20 -5.96 -7.62 2.03
C GLU A 20 -6.77 -6.32 1.98
N GLY A 21 -7.10 -5.90 0.76
CA GLY A 21 -7.87 -4.68 0.59
C GLY A 21 -6.99 -3.46 0.41
N LEU A 22 -5.69 -3.68 0.27
CA LEU A 22 -4.75 -2.59 0.09
C LEU A 22 -4.06 -2.67 -1.27
N GLU A 23 -3.44 -1.57 -1.69
CA GLU A 23 -2.74 -1.54 -2.97
C GLU A 23 -1.62 -0.49 -2.94
N CYS A 24 -0.45 -0.89 -3.41
CA CYS A 24 0.70 0.00 -3.44
C CYS A 24 0.50 1.12 -4.45
N TRP A 25 0.75 2.35 -4.02
CA TRP A 25 0.59 3.52 -4.89
C TRP A 25 1.79 4.45 -4.79
N LYS A 26 2.19 5.02 -5.92
CA LYS A 26 3.32 5.94 -5.96
C LYS A 26 2.86 7.39 -5.88
N ARG A 27 3.66 8.23 -5.23
CA ARG A 27 3.33 9.64 -5.09
C ARG A 27 4.47 10.52 -5.59
N ARG A 28 4.27 11.83 -5.52
CA ARG A 28 5.29 12.78 -5.97
C ARG A 28 5.89 13.54 -4.78
N ARG A 29 5.06 13.83 -3.80
CA ARG A 29 5.51 14.55 -2.60
C ARG A 29 6.14 13.59 -1.60
N SER A 30 5.53 12.42 -1.44
CA SER A 30 6.03 11.43 -0.50
C SER A 30 6.50 10.18 -1.24
N PHE A 31 6.82 9.14 -0.47
CA PHE A 31 7.29 7.88 -1.06
C PHE A 31 6.13 6.91 -1.26
N GLU A 32 6.35 5.92 -2.12
CA GLU A 32 5.32 4.92 -2.40
C GLU A 32 4.85 4.24 -1.12
N VAL A 33 3.54 4.18 -0.94
CA VAL A 33 2.97 3.55 0.25
C VAL A 33 1.70 2.77 -0.11
N CYS A 34 1.39 1.76 0.70
CA CYS A 34 0.22 0.93 0.47
C CYS A 34 -1.06 1.68 0.86
N VAL A 35 -1.77 2.17 -0.15
CA VAL A 35 -3.00 2.90 0.08
C VAL A 35 -4.21 1.96 0.13
N PRO A 36 -5.27 2.38 0.84
CA PRO A 36 -6.48 1.59 0.99
C PRO A 36 -7.27 1.51 -0.32
N LYS A 37 -7.73 0.30 -0.65
CA LYS A 37 -8.50 0.09 -1.88
C LYS A 37 -9.85 0.78 -1.79
N THR A 38 -10.29 1.36 -2.91
CA THR A 38 -11.57 2.05 -2.96
C THR A 38 -12.50 1.41 -3.98
N PRO A 39 -13.81 1.66 -3.83
CA PRO A 39 -14.82 1.12 -4.74
C PRO A 39 -14.76 1.75 -6.13
N LYS A 40 -14.31 0.97 -7.10
CA LYS A 40 -14.20 1.45 -8.48
C LYS A 40 -15.57 1.51 -9.15
N THR A 41 -15.85 2.63 -9.80
CA THR A 41 -17.13 2.81 -10.48
C THR A 41 -17.41 1.65 -11.42
N SER A 1 9.33 -7.42 10.65
CA SER A 1 8.86 -8.55 9.85
C SER A 1 7.38 -8.80 10.11
N GLU A 2 6.53 -8.14 9.32
CA GLU A 2 5.09 -8.29 9.45
C GLU A 2 4.54 -9.28 8.42
N ASP A 3 3.24 -9.55 8.50
CA ASP A 3 2.60 -10.48 7.57
C ASP A 3 2.00 -9.73 6.38
N CYS A 4 1.99 -8.41 6.47
CA CYS A 4 1.44 -7.57 5.40
C CYS A 4 1.68 -6.10 5.70
N ILE A 5 1.73 -5.30 4.64
CA ILE A 5 1.95 -3.86 4.77
C ILE A 5 0.65 -3.13 5.07
N PRO A 6 0.61 -2.42 6.21
CA PRO A 6 -0.58 -1.66 6.63
C PRO A 6 -0.82 -0.44 5.75
N LYS A 7 -1.75 0.41 6.19
CA LYS A 7 -2.08 1.61 5.45
C LYS A 7 -1.02 2.69 5.65
N TRP A 8 -0.37 3.08 4.56
CA TRP A 8 0.67 4.10 4.62
C TRP A 8 1.86 3.63 5.45
N LYS A 9 2.59 2.64 4.93
CA LYS A 9 3.75 2.10 5.62
C LYS A 9 5.00 2.18 4.75
N GLY A 10 4.79 2.30 3.43
CA GLY A 10 5.90 2.38 2.51
C GLY A 10 6.10 1.09 1.74
N CYS A 11 5.92 1.15 0.42
CA CYS A 11 6.07 -0.03 -0.43
C CYS A 11 7.05 0.27 -1.57
N VAL A 12 8.25 0.72 -1.22
CA VAL A 12 9.26 1.04 -2.21
C VAL A 12 9.97 -0.23 -2.69
N ASN A 13 9.89 -1.28 -1.88
CA ASN A 13 10.52 -2.56 -2.23
C ASN A 13 9.55 -3.71 -2.05
N ARG A 14 8.30 -3.38 -1.70
CA ARG A 14 7.28 -4.40 -1.50
C ARG A 14 5.92 -3.88 -1.95
N HIS A 15 5.69 -3.89 -3.26
CA HIS A 15 4.42 -3.42 -3.82
C HIS A 15 3.31 -4.44 -3.59
N GLY A 16 3.58 -5.69 -3.95
CA GLY A 16 2.60 -6.75 -3.79
C GLY A 16 2.71 -7.42 -2.44
N ASP A 17 2.62 -6.64 -1.37
CA ASP A 17 2.71 -7.17 -0.02
C ASP A 17 1.78 -6.42 0.94
N CYS A 18 0.87 -5.64 0.35
CA CYS A 18 -0.08 -4.86 1.15
C CYS A 18 -1.21 -5.76 1.67
N CYS A 19 -1.64 -5.50 2.90
CA CYS A 19 -2.70 -6.27 3.52
C CYS A 19 -3.93 -6.34 2.61
N GLU A 20 -4.80 -7.31 2.87
CA GLU A 20 -6.01 -7.48 2.07
C GLU A 20 -6.80 -6.18 2.00
N GLY A 21 -7.13 -5.75 0.79
CA GLY A 21 -7.88 -4.53 0.60
C GLY A 21 -6.98 -3.31 0.42
N LEU A 22 -5.69 -3.56 0.25
CA LEU A 22 -4.72 -2.48 0.07
C LEU A 22 -4.02 -2.59 -1.28
N GLU A 23 -3.41 -1.51 -1.71
CA GLU A 23 -2.70 -1.49 -2.99
C GLU A 23 -1.58 -0.45 -2.97
N CYS A 24 -0.40 -0.86 -3.45
CA CYS A 24 0.75 0.02 -3.49
C CYS A 24 0.54 1.16 -4.50
N TRP A 25 0.63 2.39 -4.02
CA TRP A 25 0.44 3.55 -4.89
C TRP A 25 1.67 4.46 -4.84
N LYS A 26 1.95 5.13 -5.96
CA LYS A 26 3.09 6.03 -6.04
C LYS A 26 2.65 7.48 -5.86
N ARG A 27 3.42 8.24 -5.09
CA ARG A 27 3.11 9.64 -4.84
C ARG A 27 4.33 10.52 -5.07
N ARG A 28 4.10 11.75 -5.53
CA ARG A 28 5.18 12.68 -5.79
C ARG A 28 5.54 13.48 -4.54
N ARG A 29 4.58 13.60 -3.64
CA ARG A 29 4.80 14.33 -2.39
C ARG A 29 5.42 13.43 -1.33
N SER A 30 5.20 12.13 -1.46
CA SER A 30 5.73 11.17 -0.52
C SER A 30 6.12 9.86 -1.23
N PHE A 31 7.00 9.09 -0.59
CA PHE A 31 7.45 7.83 -1.16
C PHE A 31 6.28 6.87 -1.36
N GLU A 32 6.47 5.87 -2.21
CA GLU A 32 5.44 4.88 -2.49
C GLU A 32 4.95 4.22 -1.21
N VAL A 33 3.64 4.15 -1.03
CA VAL A 33 3.05 3.54 0.15
C VAL A 33 1.78 2.76 -0.21
N CYS A 34 1.44 1.80 0.64
CA CYS A 34 0.25 0.97 0.42
C CYS A 34 -1.01 1.74 0.80
N VAL A 35 -1.72 2.23 -0.22
CA VAL A 35 -2.95 2.99 0.00
C VAL A 35 -4.16 2.06 0.08
N PRO A 36 -5.20 2.50 0.80
CA PRO A 36 -6.43 1.73 0.96
C PRO A 36 -7.23 1.63 -0.33
N LYS A 37 -7.62 0.41 -0.69
CA LYS A 37 -8.40 0.18 -1.90
C LYS A 37 -9.75 0.90 -1.82
N THR A 38 -10.19 1.44 -2.95
CA THR A 38 -11.46 2.14 -3.02
C THR A 38 -12.60 1.20 -3.37
N PRO A 39 -13.84 1.61 -3.05
CA PRO A 39 -15.04 0.81 -3.32
C PRO A 39 -15.34 0.72 -4.81
N LYS A 40 -15.70 -0.48 -5.27
CA LYS A 40 -16.02 -0.70 -6.67
C LYS A 40 -17.48 -0.33 -6.96
N THR A 41 -17.71 0.33 -8.08
CA THR A 41 -19.05 0.74 -8.47
C THR A 41 -19.62 -0.19 -9.54
N SER A 1 7.39 -11.53 12.56
CA SER A 1 7.08 -12.16 11.29
C SER A 1 6.26 -11.23 10.40
N GLU A 2 6.79 -10.93 9.22
CA GLU A 2 6.10 -10.05 8.28
C GLU A 2 4.90 -10.76 7.65
N ASP A 3 3.71 -10.27 7.96
CA ASP A 3 2.48 -10.85 7.42
C ASP A 3 1.96 -10.03 6.23
N CYS A 4 1.96 -8.72 6.39
CA CYS A 4 1.48 -7.82 5.35
C CYS A 4 1.69 -6.36 5.73
N ILE A 5 1.72 -5.49 4.73
CA ILE A 5 1.92 -4.06 4.98
C ILE A 5 0.59 -3.37 5.30
N PRO A 6 0.56 -2.64 6.43
CA PRO A 6 -0.64 -1.92 6.87
C PRO A 6 -0.95 -0.72 5.97
N LYS A 7 -1.89 0.10 6.41
CA LYS A 7 -2.30 1.28 5.66
C LYS A 7 -1.27 2.40 5.81
N TRP A 8 -0.63 2.76 4.70
CA TRP A 8 0.38 3.81 4.71
C TRP A 8 1.57 3.42 5.58
N LYS A 9 2.39 2.50 5.07
CA LYS A 9 3.56 2.04 5.80
C LYS A 9 4.83 2.20 4.95
N GLY A 10 4.64 2.31 3.64
CA GLY A 10 5.77 2.45 2.74
C GLY A 10 6.01 1.23 1.90
N CYS A 11 5.76 1.35 0.60
CA CYS A 11 5.95 0.23 -0.32
C CYS A 11 6.91 0.61 -1.45
N VAL A 12 8.04 1.20 -1.08
CA VAL A 12 9.05 1.61 -2.04
C VAL A 12 9.62 0.41 -2.79
N ASN A 13 9.53 -0.77 -2.16
CA ASN A 13 10.05 -2.00 -2.76
C ASN A 13 9.16 -3.18 -2.40
N ARG A 14 7.93 -2.88 -1.97
CA ARG A 14 6.98 -3.93 -1.60
C ARG A 14 5.58 -3.58 -2.06
N HIS A 15 5.36 -3.63 -3.38
CA HIS A 15 4.06 -3.31 -3.95
C HIS A 15 3.06 -4.44 -3.68
N GLY A 16 3.45 -5.67 -4.00
CA GLY A 16 2.58 -6.81 -3.79
C GLY A 16 2.77 -7.43 -2.42
N ASP A 17 2.73 -6.60 -1.39
CA ASP A 17 2.91 -7.09 -0.03
C ASP A 17 1.93 -6.39 0.93
N CYS A 18 1.00 -5.65 0.36
CA CYS A 18 0.01 -4.93 1.15
C CYS A 18 -1.09 -5.87 1.63
N CYS A 19 -1.56 -5.65 2.86
CA CYS A 19 -2.60 -6.49 3.44
C CYS A 19 -3.79 -6.60 2.50
N GLU A 20 -4.68 -7.54 2.78
CA GLU A 20 -5.87 -7.75 1.96
C GLU A 20 -6.73 -6.49 1.92
N GLY A 21 -7.00 -6.01 0.71
CA GLY A 21 -7.80 -4.81 0.55
C GLY A 21 -6.97 -3.56 0.38
N LEU A 22 -5.65 -3.73 0.30
CA LEU A 22 -4.74 -2.61 0.14
C LEU A 22 -4.05 -2.65 -1.22
N GLU A 23 -3.47 -1.52 -1.62
CA GLU A 23 -2.78 -1.43 -2.89
C GLU A 23 -1.69 -0.36 -2.86
N CYS A 24 -0.50 -0.73 -3.31
CA CYS A 24 0.62 0.20 -3.33
C CYS A 24 0.38 1.35 -4.29
N TRP A 25 0.58 2.57 -3.81
CA TRP A 25 0.37 3.77 -4.63
C TRP A 25 1.62 4.63 -4.65
N LYS A 26 1.98 5.10 -5.84
CA LYS A 26 3.16 5.95 -6.01
C LYS A 26 2.84 7.40 -5.67
N ARG A 27 3.87 8.16 -5.33
CA ARG A 27 3.70 9.57 -4.99
C ARG A 27 4.93 10.38 -5.38
N ARG A 28 4.70 11.59 -5.88
CA ARG A 28 5.79 12.47 -6.29
C ARG A 28 6.29 13.31 -5.11
N ARG A 29 5.35 13.78 -4.30
CA ARG A 29 5.70 14.60 -3.13
C ARG A 29 6.21 13.73 -1.99
N SER A 30 5.78 12.47 -1.98
CA SER A 30 6.20 11.54 -0.94
C SER A 30 6.65 10.21 -1.54
N PHE A 31 6.88 9.23 -0.67
CA PHE A 31 7.32 7.91 -1.12
C PHE A 31 6.14 6.96 -1.26
N GLU A 32 6.33 5.91 -2.06
CA GLU A 32 5.28 4.92 -2.29
C GLU A 32 4.80 4.32 -0.96
N VAL A 33 3.49 4.18 -0.82
CA VAL A 33 2.90 3.62 0.39
C VAL A 33 1.65 2.82 0.08
N CYS A 34 1.43 1.75 0.84
CA CYS A 34 0.27 0.90 0.63
C CYS A 34 -1.02 1.63 1.03
N VAL A 35 -1.76 2.10 0.02
CA VAL A 35 -3.00 2.81 0.25
C VAL A 35 -4.19 1.87 0.20
N PRO A 36 -5.26 2.22 0.93
CA PRO A 36 -6.49 1.42 0.99
C PRO A 36 -7.25 1.44 -0.33
N LYS A 37 -7.65 0.26 -0.80
CA LYS A 37 -8.40 0.14 -2.05
C LYS A 37 -9.76 0.81 -1.93
N THR A 38 -10.17 1.50 -2.98
CA THR A 38 -11.47 2.18 -2.99
C THR A 38 -12.20 1.94 -4.30
N PRO A 39 -13.53 2.13 -4.28
CA PRO A 39 -14.39 1.94 -5.45
C PRO A 39 -14.15 2.99 -6.52
N LYS A 40 -14.95 2.95 -7.58
CA LYS A 40 -14.83 3.90 -8.68
C LYS A 40 -16.09 4.76 -8.79
N THR A 41 -15.94 6.07 -8.62
CA THR A 41 -17.06 6.99 -8.70
C THR A 41 -17.61 7.05 -10.12
N SER A 1 0.01 -15.31 10.97
CA SER A 1 -0.98 -14.91 9.98
C SER A 1 -0.87 -13.43 9.66
N GLU A 2 -0.35 -12.66 10.62
CA GLU A 2 -0.19 -11.22 10.43
C GLU A 2 1.08 -10.91 9.64
N ASP A 3 1.04 -11.21 8.35
CA ASP A 3 2.19 -10.97 7.48
C ASP A 3 1.79 -10.12 6.27
N CYS A 4 1.77 -8.81 6.45
CA CYS A 4 1.41 -7.89 5.38
C CYS A 4 1.63 -6.45 5.80
N ILE A 5 1.70 -5.55 4.82
CA ILE A 5 1.91 -4.14 5.09
C ILE A 5 0.60 -3.44 5.42
N PRO A 6 0.60 -2.69 6.54
CA PRO A 6 -0.59 -1.96 7.00
C PRO A 6 -0.92 -0.78 6.09
N LYS A 7 -1.84 0.07 6.54
CA LYS A 7 -2.25 1.24 5.78
C LYS A 7 -1.23 2.36 5.91
N TRP A 8 -0.57 2.68 4.80
CA TRP A 8 0.44 3.74 4.78
C TRP A 8 1.64 3.35 5.62
N LYS A 9 2.49 2.49 5.07
CA LYS A 9 3.69 2.03 5.76
C LYS A 9 4.93 2.27 4.92
N GLY A 10 4.74 2.43 3.61
CA GLY A 10 5.85 2.67 2.72
C GLY A 10 6.29 1.41 1.99
N CYS A 11 5.86 1.26 0.74
CA CYS A 11 6.20 0.10 -0.05
C CYS A 11 6.99 0.51 -1.30
N VAL A 12 8.17 1.07 -1.09
CA VAL A 12 9.03 1.50 -2.19
C VAL A 12 9.56 0.31 -2.97
N ASN A 13 9.39 -0.88 -2.42
CA ASN A 13 9.87 -2.10 -3.06
C ASN A 13 8.84 -3.22 -2.92
N ARG A 14 8.25 -3.33 -1.74
CA ARG A 14 7.24 -4.36 -1.48
C ARG A 14 5.85 -3.86 -1.85
N HIS A 15 5.59 -3.73 -3.13
CA HIS A 15 4.29 -3.26 -3.61
C HIS A 15 3.24 -4.34 -3.45
N GLY A 16 3.53 -5.54 -3.95
CA GLY A 16 2.59 -6.65 -3.85
C GLY A 16 2.75 -7.42 -2.57
N ASP A 17 2.70 -6.71 -1.44
CA ASP A 17 2.84 -7.35 -0.13
C ASP A 17 1.97 -6.65 0.90
N CYS A 18 1.07 -5.80 0.44
CA CYS A 18 0.18 -5.06 1.32
C CYS A 18 -0.95 -5.97 1.83
N CYS A 19 -1.53 -5.60 2.97
CA CYS A 19 -2.61 -6.38 3.56
C CYS A 19 -3.79 -6.48 2.61
N GLU A 20 -4.60 -7.52 2.77
CA GLU A 20 -5.77 -7.73 1.92
C GLU A 20 -6.63 -6.48 1.86
N GLY A 21 -6.73 -5.89 0.67
CA GLY A 21 -7.52 -4.69 0.50
C GLY A 21 -6.68 -3.44 0.39
N LEU A 22 -5.37 -3.63 0.18
CA LEU A 22 -4.45 -2.51 0.07
C LEU A 22 -3.75 -2.52 -1.30
N GLU A 23 -3.46 -1.33 -1.81
CA GLU A 23 -2.79 -1.21 -3.11
C GLU A 23 -1.67 -0.17 -3.05
N CYS A 24 -0.44 -0.61 -3.29
CA CYS A 24 0.70 0.28 -3.26
C CYS A 24 0.54 1.42 -4.26
N TRP A 25 0.40 2.64 -3.75
CA TRP A 25 0.23 3.81 -4.61
C TRP A 25 1.51 4.65 -4.63
N LYS A 26 1.88 5.11 -5.82
CA LYS A 26 3.08 5.93 -5.98
C LYS A 26 2.76 7.41 -5.79
N ARG A 27 3.79 8.21 -5.55
CA ARG A 27 3.61 9.64 -5.35
C ARG A 27 4.94 10.38 -5.55
N ARG A 28 4.84 11.66 -5.90
CA ARG A 28 6.03 12.48 -6.12
C ARG A 28 6.45 13.19 -4.84
N ARG A 29 5.54 13.99 -4.28
CA ARG A 29 5.81 14.72 -3.05
C ARG A 29 6.12 13.76 -1.90
N SER A 30 5.60 12.55 -2.00
CA SER A 30 5.81 11.55 -0.96
C SER A 30 6.36 10.25 -1.56
N PHE A 31 6.47 9.22 -0.74
CA PHE A 31 6.99 7.93 -1.18
C PHE A 31 5.86 6.91 -1.36
N GLU A 32 6.13 5.87 -2.13
CA GLU A 32 5.13 4.83 -2.39
C GLU A 32 4.67 4.20 -1.07
N VAL A 33 3.35 4.13 -0.88
CA VAL A 33 2.78 3.56 0.32
C VAL A 33 1.53 2.74 0.00
N CYS A 34 1.24 1.75 0.84
CA CYS A 34 0.08 0.90 0.65
C CYS A 34 -1.19 1.61 1.10
N VAL A 35 -1.97 2.10 0.13
CA VAL A 35 -3.21 2.80 0.42
C VAL A 35 -4.42 1.88 0.25
N PRO A 36 -5.50 2.19 0.96
CA PRO A 36 -6.74 1.40 0.91
C PRO A 36 -7.45 1.55 -0.43
N LYS A 37 -7.81 0.42 -1.03
CA LYS A 37 -8.50 0.41 -2.31
C LYS A 37 -9.75 1.29 -2.25
N THR A 38 -10.05 1.95 -3.37
CA THR A 38 -11.22 2.82 -3.46
C THR A 38 -12.50 2.06 -3.13
N PRO A 39 -13.56 2.80 -2.77
CA PRO A 39 -14.86 2.22 -2.43
C PRO A 39 -15.56 1.65 -3.66
N LYS A 40 -15.22 0.41 -4.00
CA LYS A 40 -15.83 -0.25 -5.16
C LYS A 40 -16.61 -1.49 -4.72
N THR A 41 -17.89 -1.52 -5.07
CA THR A 41 -18.75 -2.65 -4.72
C THR A 41 -19.16 -3.44 -5.96
N SER A 1 5.50 -9.79 14.31
CA SER A 1 4.25 -10.46 13.99
C SER A 1 3.50 -9.73 12.89
N GLU A 2 4.10 -9.67 11.70
CA GLU A 2 3.49 -8.99 10.57
C GLU A 2 3.69 -9.80 9.28
N ASP A 3 2.60 -10.07 8.59
CA ASP A 3 2.65 -10.83 7.35
C ASP A 3 2.08 -10.01 6.19
N CYS A 4 2.05 -8.70 6.36
CA CYS A 4 1.53 -7.81 5.33
C CYS A 4 1.74 -6.35 5.71
N ILE A 5 1.76 -5.47 4.71
CA ILE A 5 1.94 -4.04 4.95
C ILE A 5 0.61 -3.37 5.28
N PRO A 6 0.58 -2.66 6.42
CA PRO A 6 -0.62 -1.94 6.87
C PRO A 6 -0.94 -0.75 6.00
N LYS A 7 -1.89 0.07 6.45
CA LYS A 7 -2.30 1.26 5.70
C LYS A 7 -1.26 2.37 5.86
N TRP A 8 -0.69 2.81 4.75
CA TRP A 8 0.31 3.87 4.76
C TRP A 8 1.51 3.47 5.61
N LYS A 9 2.32 2.56 5.10
CA LYS A 9 3.50 2.09 5.81
C LYS A 9 4.75 2.23 4.95
N GLY A 10 4.55 2.34 3.64
CA GLY A 10 5.66 2.48 2.72
C GLY A 10 5.87 1.23 1.87
N CYS A 11 5.74 1.40 0.55
CA CYS A 11 5.92 0.28 -0.37
C CYS A 11 6.88 0.66 -1.49
N VAL A 12 8.02 1.26 -1.12
CA VAL A 12 9.02 1.66 -2.09
C VAL A 12 9.60 0.44 -2.81
N ASN A 13 9.50 -0.72 -2.17
CA ASN A 13 10.02 -1.95 -2.75
C ASN A 13 9.13 -3.13 -2.39
N ARG A 14 7.89 -2.85 -2.01
CA ARG A 14 6.94 -3.89 -1.63
C ARG A 14 5.54 -3.54 -2.11
N HIS A 15 5.32 -3.62 -3.43
CA HIS A 15 4.03 -3.32 -4.01
C HIS A 15 3.03 -4.44 -3.73
N GLY A 16 3.42 -5.67 -4.03
CA GLY A 16 2.55 -6.80 -3.80
C GLY A 16 2.76 -7.44 -2.44
N ASP A 17 2.71 -6.61 -1.40
CA ASP A 17 2.90 -7.09 -0.04
C ASP A 17 1.93 -6.41 0.92
N CYS A 18 0.99 -5.65 0.37
CA CYS A 18 0.00 -4.94 1.17
C CYS A 18 -1.09 -5.89 1.65
N CYS A 19 -1.54 -5.68 2.89
CA CYS A 19 -2.59 -6.51 3.47
C CYS A 19 -3.80 -6.60 2.53
N GLU A 20 -4.63 -7.61 2.76
CA GLU A 20 -5.82 -7.82 1.94
C GLU A 20 -6.68 -6.56 1.92
N GLY A 21 -6.97 -6.06 0.71
CA GLY A 21 -7.78 -4.87 0.58
C GLY A 21 -6.95 -3.61 0.42
N LEU A 22 -5.64 -3.78 0.30
CA LEU A 22 -4.73 -2.65 0.15
C LEU A 22 -4.05 -2.68 -1.22
N GLU A 23 -3.47 -1.56 -1.61
CA GLU A 23 -2.78 -1.45 -2.89
C GLU A 23 -1.70 -0.37 -2.84
N CYS A 24 -0.51 -0.72 -3.31
CA CYS A 24 0.62 0.21 -3.33
C CYS A 24 0.34 1.37 -4.28
N TRP A 25 0.59 2.59 -3.80
CA TRP A 25 0.38 3.78 -4.62
C TRP A 25 1.64 4.63 -4.67
N LYS A 26 2.02 5.06 -5.87
CA LYS A 26 3.19 5.89 -6.06
C LYS A 26 2.89 7.35 -5.73
N ARG A 27 3.95 8.11 -5.46
CA ARG A 27 3.81 9.53 -5.13
C ARG A 27 5.09 10.29 -5.41
N ARG A 28 4.96 11.52 -5.88
CA ARG A 28 6.11 12.36 -6.19
C ARG A 28 6.57 13.13 -4.96
N ARG A 29 5.65 13.90 -4.37
CA ARG A 29 5.97 14.69 -3.19
C ARG A 29 6.42 13.79 -2.04
N SER A 30 5.85 12.60 -1.97
CA SER A 30 6.19 11.64 -0.91
C SER A 30 6.65 10.32 -1.51
N PHE A 31 6.80 9.32 -0.65
CA PHE A 31 7.24 7.99 -1.09
C PHE A 31 6.04 7.05 -1.25
N GLU A 32 6.23 5.99 -2.03
CA GLU A 32 5.17 5.02 -2.27
C GLU A 32 4.71 4.39 -0.96
N VAL A 33 3.40 4.23 -0.82
CA VAL A 33 2.82 3.64 0.39
C VAL A 33 1.58 2.82 0.06
N CYS A 34 1.36 1.77 0.83
CA CYS A 34 0.21 0.90 0.63
C CYS A 34 -1.08 1.61 1.02
N VAL A 35 -1.83 2.08 0.03
CA VAL A 35 -3.09 2.78 0.27
C VAL A 35 -4.27 1.81 0.24
N PRO A 36 -5.33 2.15 0.98
CA PRO A 36 -6.53 1.32 1.06
C PRO A 36 -7.33 1.34 -0.25
N LYS A 37 -7.68 0.16 -0.73
CA LYS A 37 -8.44 0.03 -1.98
C LYS A 37 -9.83 0.66 -1.83
N THR A 38 -10.30 1.29 -2.89
CA THR A 38 -11.61 1.93 -2.88
C THR A 38 -12.71 0.93 -3.22
N PRO A 39 -13.96 1.27 -2.85
CA PRO A 39 -15.12 0.41 -3.11
C PRO A 39 -15.48 0.37 -4.59
N LYS A 40 -15.89 -0.81 -5.05
CA LYS A 40 -16.27 -1.00 -6.45
C LYS A 40 -17.78 -1.10 -6.59
N THR A 41 -18.38 -0.08 -7.21
CA THR A 41 -19.83 -0.06 -7.42
C THR A 41 -20.20 -0.65 -8.77
N SER A 1 6.61 -9.52 12.35
CA SER A 1 5.67 -8.56 11.79
C SER A 1 5.79 -8.49 10.27
N GLU A 2 5.88 -9.66 9.65
CA GLU A 2 6.00 -9.73 8.19
C GLU A 2 4.78 -10.41 7.58
N ASP A 3 3.60 -10.09 8.11
CA ASP A 3 2.36 -10.67 7.61
C ASP A 3 1.83 -9.88 6.41
N CYS A 4 1.85 -8.56 6.54
CA CYS A 4 1.37 -7.69 5.47
C CYS A 4 1.63 -6.23 5.80
N ILE A 5 1.69 -5.39 4.77
CA ILE A 5 1.93 -3.96 4.95
C ILE A 5 0.63 -3.22 5.27
N PRO A 6 0.62 -2.48 6.38
CA PRO A 6 -0.55 -1.71 6.82
C PRO A 6 -0.82 -0.51 5.90
N LYS A 7 -1.74 0.35 6.33
CA LYS A 7 -2.09 1.53 5.55
C LYS A 7 -1.03 2.62 5.71
N TRP A 8 -0.42 3.00 4.59
CA TRP A 8 0.60 4.03 4.60
C TRP A 8 1.80 3.60 5.45
N LYS A 9 2.55 2.63 4.95
CA LYS A 9 3.72 2.12 5.65
C LYS A 9 4.96 2.18 4.76
N GLY A 10 4.74 2.27 3.46
CA GLY A 10 5.85 2.33 2.52
C GLY A 10 5.99 1.05 1.70
N CYS A 11 5.90 1.18 0.39
CA CYS A 11 6.01 0.03 -0.50
C CYS A 11 7.02 0.31 -1.62
N VAL A 12 8.09 1.01 -1.28
CA VAL A 12 9.12 1.34 -2.25
C VAL A 12 9.79 0.08 -2.79
N ASN A 13 9.63 -1.02 -2.07
CA ASN A 13 10.21 -2.29 -2.49
C ASN A 13 9.27 -3.46 -2.15
N ARG A 14 8.02 -3.13 -1.83
CA ARG A 14 7.03 -4.14 -1.50
C ARG A 14 5.65 -3.73 -1.99
N HIS A 15 5.45 -3.80 -3.30
CA HIS A 15 4.17 -3.44 -3.89
C HIS A 15 3.11 -4.52 -3.63
N GLY A 16 3.47 -5.77 -3.94
CA GLY A 16 2.55 -6.86 -3.73
C GLY A 16 2.70 -7.50 -2.37
N ASP A 17 2.64 -6.68 -1.32
CA ASP A 17 2.76 -7.17 0.04
C ASP A 17 1.83 -6.42 0.98
N CYS A 18 0.90 -5.67 0.41
CA CYS A 18 -0.05 -4.90 1.19
C CYS A 18 -1.18 -5.79 1.71
N CYS A 19 -1.62 -5.52 2.93
CA CYS A 19 -2.69 -6.31 3.54
C CYS A 19 -3.89 -6.40 2.61
N GLU A 20 -4.78 -7.34 2.90
CA GLU A 20 -5.99 -7.54 2.09
C GLU A 20 -6.80 -6.25 2.01
N GLY A 21 -7.07 -5.80 0.78
CA GLY A 21 -7.84 -4.58 0.60
C GLY A 21 -6.96 -3.36 0.40
N LEU A 22 -5.65 -3.59 0.31
CA LEU A 22 -4.70 -2.49 0.11
C LEU A 22 -4.01 -2.60 -1.24
N GLU A 23 -3.41 -1.50 -1.68
CA GLU A 23 -2.70 -1.48 -2.96
C GLU A 23 -1.59 -0.43 -2.95
N CYS A 24 -0.41 -0.84 -3.40
CA CYS A 24 0.74 0.07 -3.45
C CYS A 24 0.51 1.18 -4.47
N TRP A 25 0.76 2.41 -4.04
CA TRP A 25 0.58 3.58 -4.91
C TRP A 25 1.77 4.52 -4.80
N LYS A 26 2.20 5.07 -5.94
CA LYS A 26 3.32 5.99 -5.98
C LYS A 26 2.85 7.44 -5.94
N ARG A 27 3.57 8.28 -5.21
CA ARG A 27 3.22 9.69 -5.10
C ARG A 27 4.46 10.57 -5.17
N ARG A 28 4.29 11.79 -5.68
CA ARG A 28 5.40 12.72 -5.81
C ARG A 28 5.62 13.48 -4.50
N ARG A 29 4.57 13.57 -3.68
CA ARG A 29 4.65 14.28 -2.41
C ARG A 29 5.34 13.41 -1.36
N SER A 30 5.17 12.09 -1.48
CA SER A 30 5.77 11.16 -0.54
C SER A 30 6.12 9.84 -1.22
N PHE A 31 7.07 9.11 -0.65
CA PHE A 31 7.50 7.83 -1.21
C PHE A 31 6.31 6.89 -1.37
N GLU A 32 6.50 5.87 -2.20
CA GLU A 32 5.44 4.90 -2.46
C GLU A 32 4.98 4.24 -1.16
N VAL A 33 3.67 4.15 -0.98
CA VAL A 33 3.11 3.54 0.23
C VAL A 33 1.84 2.76 -0.10
N CYS A 34 1.56 1.74 0.69
CA CYS A 34 0.38 0.91 0.49
C CYS A 34 -0.89 1.67 0.84
N VAL A 35 -1.60 2.15 -0.19
CA VAL A 35 -2.82 2.90 0.01
C VAL A 35 -4.04 1.98 0.02
N PRO A 36 -5.09 2.38 0.76
CA PRO A 36 -6.32 1.60 0.86
C PRO A 36 -7.12 1.60 -0.44
N LYS A 37 -7.53 0.42 -0.89
CA LYS A 37 -8.29 0.28 -2.12
C LYS A 37 -9.65 0.97 -2.00
N THR A 38 -10.02 1.71 -3.04
CA THR A 38 -11.29 2.43 -3.05
C THR A 38 -12.30 1.74 -3.96
N PRO A 39 -13.59 2.04 -3.74
CA PRO A 39 -14.68 1.46 -4.54
C PRO A 39 -14.70 2.00 -5.97
N LYS A 40 -14.35 1.14 -6.93
CA LYS A 40 -14.33 1.53 -8.33
C LYS A 40 -15.63 1.14 -9.02
N THR A 41 -16.44 2.14 -9.37
CA THR A 41 -17.71 1.91 -10.04
C THR A 41 -17.50 1.41 -11.47
N SER A 1 9.84 -11.34 7.77
CA SER A 1 9.30 -11.31 9.13
C SER A 1 8.09 -10.39 9.22
N GLU A 2 7.26 -10.42 8.19
CA GLU A 2 6.06 -9.59 8.15
C GLU A 2 4.93 -10.31 7.43
N ASP A 3 3.72 -10.22 7.98
CA ASP A 3 2.55 -10.86 7.39
C ASP A 3 2.03 -10.04 6.22
N CYS A 4 2.02 -8.72 6.37
CA CYS A 4 1.53 -7.83 5.33
C CYS A 4 1.75 -6.37 5.72
N ILE A 5 1.75 -5.48 4.74
CA ILE A 5 1.94 -4.06 4.98
C ILE A 5 0.63 -3.38 5.32
N PRO A 6 0.61 -2.66 6.45
CA PRO A 6 -0.59 -1.95 6.91
C PRO A 6 -0.92 -0.74 6.03
N LYS A 7 -1.86 0.07 6.50
CA LYS A 7 -2.27 1.26 5.76
C LYS A 7 -1.23 2.37 5.89
N TRP A 8 -0.66 2.78 4.77
CA TRP A 8 0.34 3.84 4.77
C TRP A 8 1.54 3.45 5.62
N LYS A 9 2.36 2.53 5.10
CA LYS A 9 3.54 2.08 5.82
C LYS A 9 4.79 2.21 4.95
N GLY A 10 4.58 2.32 3.64
CA GLY A 10 5.69 2.46 2.72
C GLY A 10 5.90 1.23 1.87
N CYS A 11 5.74 1.39 0.56
CA CYS A 11 5.91 0.27 -0.37
C CYS A 11 6.87 0.65 -1.50
N VAL A 12 7.98 1.28 -1.13
CA VAL A 12 8.99 1.68 -2.11
C VAL A 12 9.59 0.48 -2.82
N ASN A 13 9.45 -0.69 -2.21
CA ASN A 13 9.98 -1.93 -2.78
C ASN A 13 9.11 -3.12 -2.40
N ARG A 14 7.86 -2.84 -2.01
CA ARG A 14 6.92 -3.88 -1.63
C ARG A 14 5.52 -3.56 -2.10
N HIS A 15 5.29 -3.64 -3.41
CA HIS A 15 3.99 -3.35 -3.98
C HIS A 15 3.00 -4.49 -3.70
N GLY A 16 3.42 -5.71 -4.01
CA GLY A 16 2.56 -6.86 -3.79
C GLY A 16 2.76 -7.47 -2.42
N ASP A 17 2.74 -6.64 -1.39
CA ASP A 17 2.93 -7.11 -0.02
C ASP A 17 1.95 -6.41 0.92
N CYS A 18 1.02 -5.65 0.36
CA CYS A 18 0.03 -4.94 1.15
C CYS A 18 -1.06 -5.89 1.64
N CYS A 19 -1.51 -5.66 2.87
CA CYS A 19 -2.56 -6.50 3.46
C CYS A 19 -3.76 -6.61 2.53
N GLU A 20 -4.60 -7.62 2.76
CA GLU A 20 -5.78 -7.84 1.94
C GLU A 20 -6.67 -6.60 1.91
N GLY A 21 -6.93 -6.09 0.71
CA GLY A 21 -7.76 -4.90 0.57
C GLY A 21 -6.94 -3.64 0.42
N LEU A 22 -5.63 -3.80 0.27
CA LEU A 22 -4.73 -2.66 0.11
C LEU A 22 -4.08 -2.66 -1.26
N GLU A 23 -3.50 -1.53 -1.64
CA GLU A 23 -2.83 -1.41 -2.94
C GLU A 23 -1.74 -0.34 -2.89
N CYS A 24 -0.54 -0.72 -3.32
CA CYS A 24 0.60 0.19 -3.33
C CYS A 24 0.35 1.35 -4.30
N TRP A 25 0.59 2.57 -3.83
CA TRP A 25 0.40 3.75 -4.66
C TRP A 25 1.66 4.61 -4.69
N LYS A 26 2.04 5.05 -5.88
CA LYS A 26 3.23 5.89 -6.04
C LYS A 26 2.95 7.33 -5.62
N ARG A 27 4.00 8.12 -5.49
CA ARG A 27 3.88 9.52 -5.10
C ARG A 27 5.15 10.29 -5.41
N ARG A 28 5.00 11.52 -5.89
CA ARG A 28 6.13 12.37 -6.23
C ARG A 28 6.65 13.10 -4.99
N ARG A 29 5.80 13.96 -4.42
CA ARG A 29 6.17 14.73 -3.24
C ARG A 29 6.51 13.80 -2.07
N SER A 30 5.80 12.68 -1.98
CA SER A 30 6.02 11.72 -0.92
C SER A 30 6.56 10.40 -1.48
N PHE A 31 6.61 9.38 -0.63
CA PHE A 31 7.11 8.07 -1.05
C PHE A 31 5.96 7.08 -1.22
N GLU A 32 6.19 6.04 -2.00
CA GLU A 32 5.17 5.03 -2.26
C GLU A 32 4.71 4.38 -0.95
N VAL A 33 3.40 4.22 -0.82
CA VAL A 33 2.83 3.61 0.38
C VAL A 33 1.59 2.79 0.04
N CYS A 34 1.33 1.75 0.84
CA CYS A 34 0.18 0.89 0.63
C CYS A 34 -1.11 1.60 1.03
N VAL A 35 -1.86 2.08 0.05
CA VAL A 35 -3.11 2.78 0.30
C VAL A 35 -4.29 1.82 0.23
N PRO A 36 -5.36 2.13 0.99
CA PRO A 36 -6.57 1.31 1.04
C PRO A 36 -7.35 1.37 -0.27
N LYS A 37 -7.74 0.19 -0.77
CA LYS A 37 -8.50 0.11 -2.01
C LYS A 37 -9.87 0.74 -1.85
N THR A 38 -10.31 1.48 -2.87
CA THR A 38 -11.61 2.12 -2.84
C THR A 38 -12.64 1.34 -3.64
N PRO A 39 -13.93 1.58 -3.35
CA PRO A 39 -15.04 0.91 -4.05
C PRO A 39 -15.17 1.35 -5.50
N LYS A 40 -15.12 0.38 -6.41
CA LYS A 40 -15.23 0.68 -7.83
C LYS A 40 -16.53 0.09 -8.40
N THR A 41 -17.40 0.97 -8.89
CA THR A 41 -18.67 0.54 -9.46
C THR A 41 -18.63 0.59 -10.98
N SER A 1 6.92 -8.18 12.16
CA SER A 1 5.68 -8.82 11.75
C SER A 1 5.63 -9.00 10.25
N GLU A 2 6.08 -10.16 9.77
CA GLU A 2 6.10 -10.46 8.35
C GLU A 2 4.77 -11.07 7.91
N ASP A 3 3.71 -10.28 7.95
CA ASP A 3 2.38 -10.75 7.56
C ASP A 3 1.85 -9.94 6.37
N CYS A 4 1.88 -8.62 6.50
CA CYS A 4 1.39 -7.74 5.44
C CYS A 4 1.64 -6.28 5.80
N ILE A 5 1.69 -5.42 4.78
CA ILE A 5 1.92 -4.00 4.98
C ILE A 5 0.62 -3.27 5.30
N PRO A 6 0.59 -2.55 6.43
CA PRO A 6 -0.58 -1.79 6.85
C PRO A 6 -0.87 -0.59 5.95
N LYS A 7 -1.79 0.26 6.39
CA LYS A 7 -2.15 1.46 5.62
C LYS A 7 -1.10 2.54 5.78
N TRP A 8 -0.49 2.94 4.66
CA TRP A 8 0.53 3.98 4.68
C TRP A 8 1.72 3.55 5.53
N LYS A 9 2.49 2.59 5.03
CA LYS A 9 3.67 2.10 5.75
C LYS A 9 4.91 2.17 4.88
N GLY A 10 4.70 2.27 3.56
CA GLY A 10 5.82 2.35 2.64
C GLY A 10 5.98 1.10 1.81
N CYS A 11 5.89 1.26 0.49
CA CYS A 11 6.01 0.13 -0.43
C CYS A 11 6.99 0.44 -1.55
N VAL A 12 8.12 1.06 -1.19
CA VAL A 12 9.14 1.42 -2.18
C VAL A 12 9.74 0.17 -2.82
N ASN A 13 9.57 -0.97 -2.17
CA ASN A 13 10.09 -2.23 -2.68
C ASN A 13 9.17 -3.39 -2.31
N ARG A 14 7.94 -3.07 -1.94
CA ARG A 14 6.96 -4.09 -1.57
C ARG A 14 5.56 -3.70 -2.06
N HIS A 15 5.36 -3.80 -3.37
CA HIS A 15 4.07 -3.45 -3.97
C HIS A 15 3.04 -4.56 -3.69
N GLY A 16 3.41 -5.79 -3.98
CA GLY A 16 2.51 -6.91 -3.75
C GLY A 16 2.69 -7.52 -2.37
N ASP A 17 2.65 -6.69 -1.33
CA ASP A 17 2.81 -7.16 0.03
C ASP A 17 1.86 -6.43 0.98
N CYS A 18 0.94 -5.67 0.40
CA CYS A 18 -0.02 -4.91 1.19
C CYS A 18 -1.14 -5.82 1.69
N CYS A 19 -1.60 -5.57 2.92
CA CYS A 19 -2.67 -6.36 3.51
C CYS A 19 -3.86 -6.45 2.58
N GLU A 20 -4.75 -7.42 2.84
CA GLU A 20 -5.93 -7.61 2.02
C GLU A 20 -6.76 -6.33 1.95
N GLY A 21 -7.02 -5.86 0.74
CA GLY A 21 -7.81 -4.66 0.56
C GLY A 21 -6.94 -3.42 0.38
N LEU A 22 -5.63 -3.63 0.30
CA LEU A 22 -4.69 -2.53 0.13
C LEU A 22 -4.00 -2.62 -1.22
N GLU A 23 -3.40 -1.50 -1.65
CA GLU A 23 -2.70 -1.45 -2.92
C GLU A 23 -1.60 -0.39 -2.90
N CYS A 24 -0.42 -0.77 -3.37
CA CYS A 24 0.72 0.14 -3.39
C CYS A 24 0.49 1.27 -4.40
N TRP A 25 0.78 2.49 -3.98
CA TRP A 25 0.60 3.66 -4.83
C TRP A 25 1.80 4.60 -4.73
N LYS A 26 2.25 5.10 -5.88
CA LYS A 26 3.39 6.01 -5.93
C LYS A 26 2.92 7.45 -6.01
N ARG A 27 3.73 8.36 -5.47
CA ARG A 27 3.40 9.78 -5.48
C ARG A 27 4.67 10.63 -5.39
N ARG A 28 4.60 11.83 -5.97
CA ARG A 28 5.74 12.74 -5.95
C ARG A 28 5.84 13.47 -4.62
N ARG A 29 4.71 13.58 -3.93
CA ARG A 29 4.67 14.26 -2.63
C ARG A 29 5.40 13.44 -1.57
N SER A 30 5.16 12.13 -1.57
CA SER A 30 5.80 11.23 -0.60
C SER A 30 6.16 9.90 -1.25
N PHE A 31 7.05 9.16 -0.61
CA PHE A 31 7.48 7.87 -1.12
C PHE A 31 6.30 6.93 -1.29
N GLU A 32 6.48 5.89 -2.10
CA GLU A 32 5.43 4.91 -2.35
C GLU A 32 4.96 4.28 -1.04
N VAL A 33 3.64 4.16 -0.89
CA VAL A 33 3.05 3.57 0.30
C VAL A 33 1.79 2.78 -0.03
N CYS A 34 1.52 1.75 0.76
CA CYS A 34 0.35 0.91 0.55
C CYS A 34 -0.93 1.66 0.91
N VAL A 35 -1.64 2.15 -0.11
CA VAL A 35 -2.88 2.88 0.11
C VAL A 35 -4.08 1.95 0.09
N PRO A 36 -5.14 2.32 0.83
CA PRO A 36 -6.36 1.53 0.91
C PRO A 36 -7.15 1.54 -0.39
N LYS A 37 -7.56 0.36 -0.84
CA LYS A 37 -8.34 0.23 -2.08
C LYS A 37 -9.69 0.91 -1.94
N THR A 38 -10.07 1.66 -2.98
CA THR A 38 -11.34 2.37 -2.98
C THR A 38 -12.45 1.50 -3.56
N PRO A 39 -13.71 1.83 -3.24
CA PRO A 39 -14.88 1.10 -3.73
C PRO A 39 -15.11 1.28 -5.22
N LYS A 40 -14.91 0.22 -5.98
CA LYS A 40 -15.10 0.26 -7.43
C LYS A 40 -16.54 -0.07 -7.80
N THR A 41 -17.27 0.94 -8.26
CA THR A 41 -18.66 0.76 -8.65
C THR A 41 -18.77 -0.05 -9.94
N SER A 1 4.73 -11.01 12.23
CA SER A 1 4.86 -9.58 12.40
C SER A 1 4.74 -8.86 11.07
N GLU A 2 5.41 -9.39 10.06
CA GLU A 2 5.39 -8.78 8.73
C GLU A 2 4.47 -9.58 7.79
N ASP A 3 3.32 -9.99 8.32
CA ASP A 3 2.36 -10.76 7.53
C ASP A 3 1.85 -9.94 6.35
N CYS A 4 1.86 -8.62 6.49
CA CYS A 4 1.41 -7.73 5.42
C CYS A 4 1.65 -6.27 5.81
N ILE A 5 1.68 -5.41 4.80
CA ILE A 5 1.90 -3.98 5.03
C ILE A 5 0.59 -3.26 5.34
N PRO A 6 0.57 -2.53 6.46
CA PRO A 6 -0.61 -1.79 6.91
C PRO A 6 -0.91 -0.59 6.00
N LYS A 7 -1.83 0.25 6.43
CA LYS A 7 -2.21 1.44 5.67
C LYS A 7 -1.17 2.54 5.84
N TRP A 8 -0.53 2.91 4.73
CA TRP A 8 0.49 3.96 4.75
C TRP A 8 1.67 3.54 5.60
N LYS A 9 2.47 2.61 5.09
CA LYS A 9 3.65 2.12 5.80
C LYS A 9 4.89 2.23 4.93
N GLY A 10 4.69 2.33 3.62
CA GLY A 10 5.80 2.44 2.71
C GLY A 10 5.98 1.20 1.85
N CYS A 11 5.78 1.35 0.55
CA CYS A 11 5.92 0.23 -0.38
C CYS A 11 6.87 0.59 -1.52
N VAL A 12 7.96 1.28 -1.19
CA VAL A 12 8.95 1.67 -2.18
C VAL A 12 9.35 0.49 -3.05
N ASN A 13 9.32 -0.70 -2.48
CA ASN A 13 9.69 -1.91 -3.19
C ASN A 13 8.65 -3.01 -2.98
N ARG A 14 8.08 -3.05 -1.79
CA ARG A 14 7.07 -4.06 -1.47
C ARG A 14 5.71 -3.66 -2.02
N HIS A 15 5.57 -3.76 -3.34
CA HIS A 15 4.32 -3.41 -4.01
C HIS A 15 3.25 -4.47 -3.73
N GLY A 16 3.59 -5.72 -3.96
CA GLY A 16 2.64 -6.80 -3.74
C GLY A 16 2.81 -7.45 -2.37
N ASP A 17 2.71 -6.63 -1.32
CA ASP A 17 2.85 -7.13 0.04
C ASP A 17 1.89 -6.40 0.98
N CYS A 18 0.97 -5.65 0.41
CA CYS A 18 0.00 -4.89 1.20
C CYS A 18 -1.12 -5.81 1.69
N CYS A 19 -1.58 -5.56 2.92
CA CYS A 19 -2.65 -6.36 3.51
C CYS A 19 -3.84 -6.46 2.56
N GLU A 20 -4.72 -7.42 2.83
CA GLU A 20 -5.90 -7.63 1.99
C GLU A 20 -6.74 -6.35 1.92
N GLY A 21 -7.02 -5.90 0.70
CA GLY A 21 -7.81 -4.70 0.52
C GLY A 21 -6.95 -3.47 0.31
N LEU A 22 -5.64 -3.66 0.29
CA LEU A 22 -4.70 -2.56 0.09
C LEU A 22 -4.03 -2.64 -1.27
N GLU A 23 -3.42 -1.54 -1.69
CA GLU A 23 -2.74 -1.50 -2.98
C GLU A 23 -1.63 -0.44 -2.98
N CYS A 24 -0.42 -0.87 -3.31
CA CYS A 24 0.73 0.03 -3.33
C CYS A 24 0.50 1.16 -4.34
N TRP A 25 0.72 2.39 -3.90
CA TRP A 25 0.55 3.56 -4.76
C TRP A 25 1.77 4.47 -4.70
N LYS A 26 2.18 4.99 -5.86
CA LYS A 26 3.33 5.87 -5.94
C LYS A 26 2.91 7.33 -5.79
N ARG A 27 3.79 8.14 -5.21
CA ARG A 27 3.51 9.56 -5.01
C ARG A 27 4.76 10.39 -5.24
N ARG A 28 4.57 11.59 -5.78
CA ARG A 28 5.68 12.50 -6.05
C ARG A 28 6.01 13.34 -4.83
N ARG A 29 5.01 13.55 -3.98
CA ARG A 29 5.19 14.34 -2.77
C ARG A 29 5.81 13.50 -1.66
N SER A 30 5.60 12.19 -1.72
CA SER A 30 6.13 11.28 -0.71
C SER A 30 6.40 9.90 -1.32
N PHE A 31 7.25 9.13 -0.65
CA PHE A 31 7.58 7.79 -1.12
C PHE A 31 6.33 6.94 -1.28
N GLU A 32 6.45 5.86 -2.05
CA GLU A 32 5.33 4.96 -2.29
C GLU A 32 4.85 4.34 -0.99
N VAL A 33 3.53 4.19 -0.86
CA VAL A 33 2.94 3.60 0.35
C VAL A 33 1.70 2.79 0.01
N CYS A 34 1.43 1.76 0.81
CA CYS A 34 0.26 0.91 0.59
C CYS A 34 -1.03 1.65 0.95
N VAL A 35 -1.74 2.11 -0.08
CA VAL A 35 -2.99 2.84 0.12
C VAL A 35 -4.18 1.88 0.08
N PRO A 36 -5.24 2.24 0.82
CA PRO A 36 -6.47 1.44 0.88
C PRO A 36 -7.25 1.46 -0.42
N LYS A 37 -7.62 0.28 -0.90
CA LYS A 37 -8.38 0.17 -2.14
C LYS A 37 -9.75 0.82 -2.01
N THR A 38 -10.20 1.46 -3.09
CA THR A 38 -11.49 2.13 -3.09
C THR A 38 -12.55 1.28 -3.78
N PRO A 39 -13.83 1.57 -3.49
CA PRO A 39 -14.95 0.84 -4.08
C PRO A 39 -15.13 1.13 -5.57
N LYS A 40 -16.02 0.39 -6.21
CA LYS A 40 -16.29 0.58 -7.63
C LYS A 40 -17.42 1.57 -7.86
N THR A 41 -17.10 2.76 -8.35
CA THR A 41 -18.10 3.78 -8.61
C THR A 41 -18.13 4.15 -10.09
N SER A 1 -0.27 -13.21 13.84
CA SER A 1 -0.65 -13.99 12.68
C SER A 1 -1.07 -13.08 11.53
N GLU A 2 -0.36 -11.98 11.37
CA GLU A 2 -0.66 -11.02 10.30
C GLU A 2 0.62 -10.53 9.64
N ASP A 3 0.92 -11.10 8.46
CA ASP A 3 2.12 -10.72 7.73
C ASP A 3 1.75 -9.93 6.47
N CYS A 4 1.74 -8.61 6.59
CA CYS A 4 1.40 -7.73 5.48
C CYS A 4 1.64 -6.27 5.84
N ILE A 5 1.76 -5.43 4.81
CA ILE A 5 1.97 -4.01 5.02
C ILE A 5 0.68 -3.28 5.37
N PRO A 6 0.69 -2.53 6.48
CA PRO A 6 -0.48 -1.78 6.94
C PRO A 6 -0.81 -0.61 6.03
N LYS A 7 -1.74 0.24 6.47
CA LYS A 7 -2.15 1.40 5.69
C LYS A 7 -1.11 2.51 5.81
N TRP A 8 -0.54 2.90 4.67
CA TRP A 8 0.46 3.96 4.64
C TRP A 8 1.67 3.59 5.49
N LYS A 9 2.48 2.66 4.99
CA LYS A 9 3.67 2.21 5.71
C LYS A 9 4.91 2.37 4.83
N GLY A 10 4.70 2.49 3.53
CA GLY A 10 5.82 2.63 2.60
C GLY A 10 6.19 1.32 1.94
N CYS A 11 5.93 1.23 0.64
CA CYS A 11 6.25 0.02 -0.12
C CYS A 11 7.07 0.36 -1.36
N VAL A 12 8.32 0.74 -1.15
CA VAL A 12 9.21 1.09 -2.25
C VAL A 12 9.87 -0.16 -2.84
N ASN A 13 9.77 -1.28 -2.12
CA ASN A 13 10.35 -2.53 -2.57
C ASN A 13 9.41 -3.70 -2.29
N ARG A 14 8.16 -3.38 -1.93
CA ARG A 14 7.18 -4.40 -1.63
C ARG A 14 5.77 -3.91 -1.97
N HIS A 15 5.50 -3.77 -3.26
CA HIS A 15 4.18 -3.30 -3.72
C HIS A 15 3.13 -4.39 -3.53
N GLY A 16 3.42 -5.59 -4.03
CA GLY A 16 2.49 -6.69 -3.90
C GLY A 16 2.66 -7.46 -2.61
N ASP A 17 2.63 -6.74 -1.49
CA ASP A 17 2.78 -7.36 -0.18
C ASP A 17 1.93 -6.64 0.86
N CYS A 18 1.03 -5.79 0.39
CA CYS A 18 0.16 -5.03 1.29
C CYS A 18 -0.96 -5.92 1.83
N CYS A 19 -1.53 -5.52 2.96
CA CYS A 19 -2.61 -6.27 3.58
C CYS A 19 -3.80 -6.40 2.64
N GLU A 20 -4.61 -7.43 2.85
CA GLU A 20 -5.79 -7.67 2.02
C GLU A 20 -6.65 -6.41 1.93
N GLY A 21 -6.74 -5.84 0.73
CA GLY A 21 -7.52 -4.64 0.54
C GLY A 21 -6.67 -3.40 0.41
N LEU A 22 -5.38 -3.59 0.18
CA LEU A 22 -4.45 -2.47 0.04
C LEU A 22 -3.76 -2.51 -1.33
N GLU A 23 -3.42 -1.33 -1.83
CA GLU A 23 -2.76 -1.23 -3.13
C GLU A 23 -1.63 -0.19 -3.09
N CYS A 24 -0.41 -0.63 -3.32
CA CYS A 24 0.75 0.26 -3.32
C CYS A 24 0.59 1.37 -4.34
N TRP A 25 0.48 2.60 -3.85
CA TRP A 25 0.32 3.76 -4.72
C TRP A 25 1.59 4.61 -4.74
N LYS A 26 1.86 5.25 -5.87
CA LYS A 26 3.03 6.10 -6.01
C LYS A 26 2.67 7.57 -5.88
N ARG A 27 3.52 8.33 -5.21
CA ARG A 27 3.29 9.76 -5.02
C ARG A 27 4.54 10.56 -5.32
N ARG A 28 4.36 11.81 -5.73
CA ARG A 28 5.48 12.68 -6.05
C ARG A 28 5.93 13.46 -4.82
N ARG A 29 5.00 13.69 -3.90
CA ARG A 29 5.30 14.43 -2.67
C ARG A 29 5.83 13.50 -1.59
N SER A 30 5.46 12.23 -1.69
CA SER A 30 5.90 11.23 -0.71
C SER A 30 6.20 9.89 -1.39
N PHE A 31 6.96 9.05 -0.71
CA PHE A 31 7.33 7.74 -1.24
C PHE A 31 6.10 6.85 -1.41
N GLU A 32 6.22 5.82 -2.23
CA GLU A 32 5.13 4.90 -2.47
C GLU A 32 4.69 4.21 -1.19
N VAL A 33 3.38 4.18 -0.94
CA VAL A 33 2.84 3.55 0.26
C VAL A 33 1.59 2.75 -0.07
N CYS A 34 1.29 1.77 0.78
CA CYS A 34 0.12 0.93 0.60
C CYS A 34 -1.15 1.64 1.02
N VAL A 35 -1.91 2.12 0.05
CA VAL A 35 -3.16 2.84 0.33
C VAL A 35 -4.36 1.92 0.17
N PRO A 36 -5.45 2.24 0.88
CA PRO A 36 -6.68 1.46 0.84
C PRO A 36 -7.41 1.57 -0.50
N LYS A 37 -7.76 0.43 -1.08
CA LYS A 37 -8.45 0.41 -2.36
C LYS A 37 -9.68 1.31 -2.33
N THR A 38 -9.97 1.95 -3.47
CA THR A 38 -11.12 2.84 -3.57
C THR A 38 -12.21 2.23 -4.45
N PRO A 39 -13.45 2.72 -4.28
CA PRO A 39 -14.59 2.24 -5.06
C PRO A 39 -14.51 2.65 -6.53
N LYS A 40 -13.87 1.82 -7.33
CA LYS A 40 -13.73 2.09 -8.76
C LYS A 40 -14.85 1.42 -9.56
N THR A 41 -15.75 2.23 -10.08
CA THR A 41 -16.88 1.73 -10.87
C THR A 41 -16.54 1.72 -12.36
N SER A 1 0.21 -13.17 14.66
CA SER A 1 0.63 -13.80 13.41
C SER A 1 0.09 -13.02 12.21
N GLU A 2 0.77 -11.94 11.86
CA GLU A 2 0.36 -11.11 10.73
C GLU A 2 1.56 -10.68 9.90
N ASP A 3 1.49 -10.89 8.60
CA ASP A 3 2.58 -10.53 7.70
C ASP A 3 2.04 -9.79 6.48
N CYS A 4 2.04 -8.46 6.54
CA CYS A 4 1.55 -7.64 5.44
C CYS A 4 1.79 -6.16 5.72
N ILE A 5 1.77 -5.35 4.66
CA ILE A 5 1.98 -3.92 4.80
C ILE A 5 0.67 -3.20 5.08
N PRO A 6 0.60 -2.52 6.23
CA PRO A 6 -0.59 -1.77 6.64
C PRO A 6 -0.83 -0.53 5.78
N LYS A 7 -1.77 0.30 6.20
CA LYS A 7 -2.10 1.52 5.46
C LYS A 7 -1.04 2.60 5.70
N TRP A 8 -0.40 3.02 4.62
CA TRP A 8 0.64 4.04 4.70
C TRP A 8 1.81 3.57 5.54
N LYS A 9 2.54 2.58 5.02
CA LYS A 9 3.70 2.03 5.73
C LYS A 9 4.95 2.10 4.86
N GLY A 10 4.74 2.23 3.55
CA GLY A 10 5.86 2.30 2.63
C GLY A 10 6.05 1.02 1.85
N CYS A 11 5.95 1.12 0.52
CA CYS A 11 6.11 -0.04 -0.34
C CYS A 11 7.06 0.27 -1.50
N VAL A 12 8.27 0.70 -1.17
CA VAL A 12 9.27 1.03 -2.18
C VAL A 12 9.94 -0.23 -2.72
N ASN A 13 9.87 -1.31 -1.95
CA ASN A 13 10.47 -2.57 -2.35
C ASN A 13 9.49 -3.73 -2.15
N ARG A 14 8.26 -3.40 -1.78
CA ARG A 14 7.23 -4.41 -1.56
C ARG A 14 5.86 -3.88 -1.98
N HIS A 15 5.62 -3.85 -3.28
CA HIS A 15 4.34 -3.37 -3.81
C HIS A 15 3.25 -4.40 -3.59
N GLY A 16 3.51 -5.64 -3.99
CA GLY A 16 2.53 -6.70 -3.82
C GLY A 16 2.65 -7.39 -2.49
N ASP A 17 2.59 -6.61 -1.41
CA ASP A 17 2.69 -7.16 -0.06
C ASP A 17 1.76 -6.42 0.89
N CYS A 18 0.86 -5.62 0.34
CA CYS A 18 -0.08 -4.86 1.15
C CYS A 18 -1.21 -5.76 1.65
N CYS A 19 -1.65 -5.49 2.88
CA CYS A 19 -2.72 -6.28 3.50
C CYS A 19 -3.94 -6.33 2.59
N GLU A 20 -4.80 -7.31 2.82
CA GLU A 20 -6.02 -7.46 2.02
C GLU A 20 -6.80 -6.15 1.98
N GLY A 21 -7.13 -5.71 0.77
CA GLY A 21 -7.88 -4.47 0.61
C GLY A 21 -6.99 -3.26 0.44
N LEU A 22 -5.69 -3.51 0.26
CA LEU A 22 -4.73 -2.43 0.08
C LEU A 22 -4.03 -2.54 -1.26
N GLU A 23 -3.41 -1.44 -1.70
CA GLU A 23 -2.72 -1.41 -2.98
C GLU A 23 -1.60 -0.38 -2.96
N CYS A 24 -0.41 -0.79 -3.40
CA CYS A 24 0.75 0.10 -3.43
C CYS A 24 0.54 1.22 -4.45
N TRP A 25 0.81 2.45 -4.04
CA TRP A 25 0.67 3.60 -4.92
C TRP A 25 1.86 4.54 -4.78
N LYS A 26 2.30 5.09 -5.92
CA LYS A 26 3.43 6.01 -5.93
C LYS A 26 2.97 7.43 -6.23
N ARG A 27 3.61 8.40 -5.58
CA ARG A 27 3.27 9.80 -5.77
C ARG A 27 4.45 10.70 -5.41
N ARG A 28 4.46 11.90 -5.97
CA ARG A 28 5.53 12.86 -5.71
C ARG A 28 5.40 13.45 -4.31
N ARG A 29 4.18 13.44 -3.77
CA ARG A 29 3.93 13.98 -2.44
C ARG A 29 4.77 13.25 -1.40
N SER A 30 4.81 11.92 -1.50
CA SER A 30 5.58 11.11 -0.56
C SER A 30 5.99 9.78 -1.20
N PHE A 31 6.98 9.13 -0.60
CA PHE A 31 7.45 7.84 -1.10
C PHE A 31 6.30 6.87 -1.30
N GLU A 32 6.54 5.84 -2.10
CA GLU A 32 5.51 4.83 -2.37
C GLU A 32 5.01 4.19 -1.08
N VAL A 33 3.70 4.15 -0.92
CA VAL A 33 3.08 3.57 0.26
C VAL A 33 1.81 2.82 -0.08
N CYS A 34 1.49 1.80 0.71
CA CYS A 34 0.30 0.99 0.49
C CYS A 34 -0.96 1.77 0.87
N VAL A 35 -1.66 2.27 -0.14
CA VAL A 35 -2.89 3.03 0.09
C VAL A 35 -4.11 2.11 0.15
N PRO A 36 -5.15 2.56 0.87
CA PRO A 36 -6.38 1.79 1.02
C PRO A 36 -7.19 1.72 -0.27
N LYS A 37 -7.59 0.51 -0.64
CA LYS A 37 -8.36 0.29 -1.86
C LYS A 37 -9.70 1.01 -1.78
N THR A 38 -10.16 1.55 -2.91
CA THR A 38 -11.43 2.26 -2.97
C THR A 38 -12.55 1.35 -3.45
N PRO A 39 -13.79 1.73 -3.15
CA PRO A 39 -14.98 0.95 -3.54
C PRO A 39 -15.23 1.00 -5.05
N LYS A 40 -15.14 -0.16 -5.69
CA LYS A 40 -15.35 -0.26 -7.13
C LYS A 40 -16.83 -0.31 -7.46
N THR A 41 -17.32 0.70 -8.16
CA THR A 41 -18.73 0.76 -8.54
C THR A 41 -18.88 0.88 -10.05
N SER A 1 5.76 -10.31 13.16
CA SER A 1 4.45 -10.67 13.64
C SER A 1 3.40 -10.55 12.52
N GLU A 2 3.46 -9.43 11.80
CA GLU A 2 2.53 -9.20 10.70
C GLU A 2 3.05 -9.82 9.40
N ASP A 3 2.12 -10.30 8.58
CA ASP A 3 2.48 -10.92 7.31
C ASP A 3 1.98 -10.08 6.13
N CYS A 4 1.97 -8.77 6.31
CA CYS A 4 1.52 -7.85 5.27
C CYS A 4 1.73 -6.40 5.69
N ILE A 5 1.72 -5.50 4.70
CA ILE A 5 1.91 -4.08 4.97
C ILE A 5 0.59 -3.40 5.31
N PRO A 6 0.57 -2.67 6.44
CA PRO A 6 -0.63 -1.97 6.89
C PRO A 6 -0.97 -0.77 6.00
N LYS A 7 -1.90 0.05 6.45
CA LYS A 7 -2.31 1.22 5.70
C LYS A 7 -1.29 2.35 5.83
N TRP A 8 -0.65 2.68 4.70
CA TRP A 8 0.36 3.73 4.69
C TRP A 8 1.55 3.36 5.56
N LYS A 9 2.38 2.45 5.07
CA LYS A 9 3.56 2.01 5.80
C LYS A 9 4.82 2.17 4.97
N GLY A 10 4.64 2.27 3.65
CA GLY A 10 5.78 2.43 2.76
C GLY A 10 6.02 1.20 1.90
N CYS A 11 5.74 1.33 0.60
CA CYS A 11 5.92 0.22 -0.33
C CYS A 11 6.92 0.61 -1.43
N VAL A 12 8.00 1.26 -1.04
CA VAL A 12 9.02 1.68 -1.99
C VAL A 12 9.60 0.48 -2.74
N ASN A 13 9.56 -0.68 -2.10
CA ASN A 13 10.08 -1.91 -2.71
C ASN A 13 9.20 -3.11 -2.34
N ARG A 14 7.97 -2.84 -1.93
CA ARG A 14 7.04 -3.89 -1.56
C ARG A 14 5.62 -3.56 -2.02
N HIS A 15 5.42 -3.59 -3.33
CA HIS A 15 4.10 -3.30 -3.90
C HIS A 15 3.12 -4.43 -3.63
N GLY A 16 3.54 -5.66 -3.95
CA GLY A 16 2.68 -6.81 -3.74
C GLY A 16 2.85 -7.41 -2.36
N ASP A 17 2.81 -6.56 -1.34
CA ASP A 17 2.97 -7.02 0.04
C ASP A 17 1.95 -6.34 0.95
N CYS A 18 1.05 -5.58 0.35
CA CYS A 18 0.01 -4.88 1.12
C CYS A 18 -1.06 -5.85 1.59
N CYS A 19 -1.54 -5.64 2.81
CA CYS A 19 -2.58 -6.49 3.38
C CYS A 19 -3.77 -6.60 2.45
N GLU A 20 -4.64 -7.57 2.72
CA GLU A 20 -5.83 -7.79 1.90
C GLU A 20 -6.70 -6.54 1.87
N GLY A 21 -6.97 -6.04 0.68
CA GLY A 21 -7.80 -4.86 0.53
C GLY A 21 -6.98 -3.59 0.39
N LEU A 22 -5.66 -3.75 0.26
CA LEU A 22 -4.76 -2.62 0.11
C LEU A 22 -4.09 -2.62 -1.25
N GLU A 23 -3.48 -1.49 -1.62
CA GLU A 23 -2.80 -1.37 -2.90
C GLU A 23 -1.67 -0.35 -2.82
N CYS A 24 -0.51 -0.71 -3.34
CA CYS A 24 0.65 0.18 -3.33
C CYS A 24 0.44 1.35 -4.28
N TRP A 25 0.41 2.55 -3.71
CA TRP A 25 0.20 3.76 -4.51
C TRP A 25 1.51 4.53 -4.66
N LYS A 26 1.67 5.21 -5.80
CA LYS A 26 2.87 5.98 -6.08
C LYS A 26 2.65 7.45 -5.76
N ARG A 27 3.71 8.13 -5.33
CA ARG A 27 3.64 9.54 -4.98
C ARG A 27 4.88 10.28 -5.46
N ARG A 28 4.72 11.55 -5.80
CA ARG A 28 5.83 12.38 -6.25
C ARG A 28 6.52 13.07 -5.09
N ARG A 29 5.80 13.94 -4.40
CA ARG A 29 6.34 14.67 -3.27
C ARG A 29 6.62 13.72 -2.10
N SER A 30 5.92 12.60 -2.08
CA SER A 30 6.08 11.61 -1.02
C SER A 30 6.66 10.31 -1.57
N PHE A 31 6.68 9.27 -0.74
CA PHE A 31 7.21 7.98 -1.13
C PHE A 31 6.09 6.96 -1.31
N GLU A 32 6.38 5.88 -2.02
CA GLU A 32 5.39 4.83 -2.27
C GLU A 32 4.85 4.28 -0.95
N VAL A 33 3.53 4.13 -0.88
CA VAL A 33 2.89 3.60 0.32
C VAL A 33 1.65 2.78 -0.02
N CYS A 34 1.34 1.80 0.82
CA CYS A 34 0.18 0.95 0.60
C CYS A 34 -1.10 1.65 1.02
N VAL A 35 -1.86 2.14 0.04
CA VAL A 35 -3.11 2.83 0.31
C VAL A 35 -4.29 1.87 0.24
N PRO A 36 -5.36 2.19 1.00
CA PRO A 36 -6.57 1.37 1.03
C PRO A 36 -7.35 1.43 -0.27
N LYS A 37 -7.76 0.26 -0.76
CA LYS A 37 -8.52 0.18 -2.01
C LYS A 37 -9.89 0.82 -1.85
N THR A 38 -10.31 1.57 -2.87
CA THR A 38 -11.61 2.23 -2.84
C THR A 38 -12.58 1.58 -3.82
N PRO A 39 -13.88 1.81 -3.61
CA PRO A 39 -14.93 1.26 -4.47
C PRO A 39 -14.96 1.91 -5.84
N LYS A 40 -15.65 1.27 -6.78
CA LYS A 40 -15.75 1.79 -8.14
C LYS A 40 -17.18 2.21 -8.46
N THR A 41 -17.39 3.51 -8.61
CA THR A 41 -18.70 4.05 -8.92
C THR A 41 -19.24 3.48 -10.23
N SER A 1 0.68 -13.92 13.42
CA SER A 1 -0.67 -14.29 13.03
C SER A 1 -1.03 -13.68 11.67
N GLU A 2 -0.38 -12.57 11.34
CA GLU A 2 -0.62 -11.89 10.07
C GLU A 2 0.65 -11.22 9.54
N ASP A 3 0.91 -11.39 8.26
CA ASP A 3 2.10 -10.81 7.64
C ASP A 3 1.73 -9.99 6.40
N CYS A 4 1.73 -8.67 6.55
CA CYS A 4 1.39 -7.78 5.45
C CYS A 4 1.63 -6.32 5.84
N ILE A 5 1.73 -5.46 4.83
CA ILE A 5 1.96 -4.03 5.06
C ILE A 5 0.66 -3.32 5.41
N PRO A 6 0.69 -2.55 6.51
CA PRO A 6 -0.48 -1.78 6.97
C PRO A 6 -0.82 -0.62 6.04
N LYS A 7 -1.74 0.22 6.48
CA LYS A 7 -2.15 1.38 5.70
C LYS A 7 -1.13 2.51 5.81
N TRP A 8 -0.50 2.84 4.67
CA TRP A 8 0.50 3.90 4.65
C TRP A 8 1.71 3.53 5.49
N LYS A 9 2.53 2.62 5.00
CA LYS A 9 3.71 2.18 5.71
C LYS A 9 4.96 2.35 4.84
N GLY A 10 4.76 2.45 3.53
CA GLY A 10 5.87 2.63 2.62
C GLY A 10 6.26 1.33 1.94
N CYS A 11 5.92 1.22 0.66
CA CYS A 11 6.24 0.01 -0.11
C CYS A 11 7.07 0.36 -1.34
N VAL A 12 8.31 0.78 -1.12
CA VAL A 12 9.20 1.14 -2.22
C VAL A 12 9.86 -0.09 -2.82
N ASN A 13 9.73 -1.22 -2.13
CA ASN A 13 10.31 -2.47 -2.60
C ASN A 13 9.39 -3.64 -2.30
N ARG A 14 8.14 -3.34 -1.93
CA ARG A 14 7.16 -4.37 -1.62
C ARG A 14 5.76 -3.89 -1.96
N HIS A 15 5.47 -3.76 -3.25
CA HIS A 15 4.16 -3.32 -3.70
C HIS A 15 3.11 -4.42 -3.51
N GLY A 16 3.42 -5.61 -4.00
CA GLY A 16 2.49 -6.72 -3.86
C GLY A 16 2.67 -7.47 -2.56
N ASP A 17 2.64 -6.75 -1.46
CA ASP A 17 2.81 -7.36 -0.14
C ASP A 17 1.96 -6.64 0.90
N CYS A 18 1.05 -5.78 0.43
CA CYS A 18 0.18 -5.03 1.32
C CYS A 18 -0.95 -5.92 1.85
N CYS A 19 -1.53 -5.52 2.98
CA CYS A 19 -2.62 -6.28 3.59
C CYS A 19 -3.80 -6.39 2.64
N GLU A 20 -4.62 -7.42 2.84
CA GLU A 20 -5.79 -7.64 1.99
C GLU A 20 -6.65 -6.39 1.91
N GLY A 21 -6.72 -5.81 0.71
CA GLY A 21 -7.51 -4.60 0.52
C GLY A 21 -6.65 -3.37 0.39
N LEU A 22 -5.36 -3.57 0.17
CA LEU A 22 -4.42 -2.45 0.04
C LEU A 22 -3.73 -2.49 -1.32
N GLU A 23 -3.40 -1.30 -1.84
CA GLU A 23 -2.73 -1.22 -3.14
C GLU A 23 -1.62 -0.17 -3.10
N CYS A 24 -0.39 -0.62 -3.35
CA CYS A 24 0.76 0.28 -3.33
C CYS A 24 0.59 1.40 -4.36
N TRP A 25 0.47 2.63 -3.87
CA TRP A 25 0.30 3.78 -4.74
C TRP A 25 1.57 4.64 -4.76
N LYS A 26 1.81 5.29 -5.90
CA LYS A 26 2.99 6.13 -6.04
C LYS A 26 2.62 7.60 -5.88
N ARG A 27 3.54 8.37 -5.31
CA ARG A 27 3.31 9.81 -5.09
C ARG A 27 4.59 10.59 -5.31
N ARG A 28 4.45 11.81 -5.82
CA ARG A 28 5.60 12.68 -6.07
C ARG A 28 6.00 13.43 -4.81
N ARG A 29 5.03 13.66 -3.93
CA ARG A 29 5.29 14.37 -2.68
C ARG A 29 5.74 13.41 -1.58
N SER A 30 5.30 12.16 -1.68
CA SER A 30 5.66 11.14 -0.70
C SER A 30 6.01 9.83 -1.38
N PHE A 31 6.85 9.03 -0.72
CA PHE A 31 7.28 7.75 -1.27
C PHE A 31 6.09 6.81 -1.43
N GLU A 32 6.24 5.78 -2.25
CA GLU A 32 5.18 4.82 -2.49
C GLU A 32 4.73 4.17 -1.18
N VAL A 33 3.41 4.15 -0.96
CA VAL A 33 2.85 3.57 0.24
C VAL A 33 1.60 2.76 -0.06
N CYS A 34 1.30 1.78 0.79
CA CYS A 34 0.13 0.93 0.60
C CYS A 34 -1.13 1.66 1.03
N VAL A 35 -1.90 2.13 0.06
CA VAL A 35 -3.14 2.85 0.33
C VAL A 35 -4.34 1.94 0.17
N PRO A 36 -5.44 2.26 0.88
CA PRO A 36 -6.68 1.49 0.84
C PRO A 36 -7.39 1.61 -0.51
N LYS A 37 -7.74 0.47 -1.09
CA LYS A 37 -8.44 0.46 -2.37
C LYS A 37 -9.67 1.35 -2.35
N THR A 38 -9.97 1.99 -3.48
CA THR A 38 -11.12 2.88 -3.57
C THR A 38 -12.40 2.09 -3.82
N PRO A 39 -13.54 2.71 -3.50
CA PRO A 39 -14.86 2.09 -3.68
C PRO A 39 -15.23 1.91 -5.15
N LYS A 40 -15.16 0.68 -5.64
CA LYS A 40 -15.48 0.38 -7.03
C LYS A 40 -16.80 -0.38 -7.13
N THR A 41 -17.78 0.21 -7.80
CA THR A 41 -19.08 -0.41 -7.96
C THR A 41 -19.17 -1.16 -9.29
N SER A 1 9.16 -10.41 8.90
CA SER A 1 8.66 -10.52 10.27
C SER A 1 7.15 -10.30 10.31
N GLU A 2 6.67 -9.38 9.46
CA GLU A 2 5.26 -9.06 9.40
C GLU A 2 4.53 -9.99 8.42
N ASP A 3 3.20 -9.94 8.45
CA ASP A 3 2.40 -10.78 7.57
C ASP A 3 1.91 -9.98 6.37
N CYS A 4 1.91 -8.66 6.50
CA CYS A 4 1.46 -7.78 5.42
C CYS A 4 1.69 -6.31 5.80
N ILE A 5 1.70 -5.45 4.79
CA ILE A 5 1.90 -4.03 5.01
C ILE A 5 0.58 -3.33 5.32
N PRO A 6 0.55 -2.60 6.45
CA PRO A 6 -0.64 -1.86 6.88
C PRO A 6 -0.95 -0.66 5.98
N LYS A 7 -1.88 0.17 6.42
CA LYS A 7 -2.27 1.35 5.65
C LYS A 7 -1.23 2.45 5.80
N TRP A 8 -0.58 2.80 4.69
CA TRP A 8 0.42 3.85 4.69
C TRP A 8 1.62 3.45 5.55
N LYS A 9 2.42 2.52 5.05
CA LYS A 9 3.60 2.05 5.78
C LYS A 9 4.86 2.18 4.93
N GLY A 10 4.67 2.29 3.62
CA GLY A 10 5.80 2.41 2.72
C GLY A 10 6.01 1.18 1.87
N CYS A 11 5.80 1.31 0.56
CA CYS A 11 5.97 0.19 -0.35
C CYS A 11 6.95 0.55 -1.47
N VAL A 12 8.08 1.13 -1.09
CA VAL A 12 9.10 1.53 -2.06
C VAL A 12 9.66 0.31 -2.78
N ASN A 13 9.56 -0.85 -2.14
CA ASN A 13 10.07 -2.09 -2.72
C ASN A 13 9.17 -3.27 -2.36
N ARG A 14 7.94 -2.95 -1.95
CA ARG A 14 6.99 -3.99 -1.58
C ARG A 14 5.58 -3.62 -2.05
N HIS A 15 5.37 -3.68 -3.36
CA HIS A 15 4.07 -3.36 -3.93
C HIS A 15 3.06 -4.47 -3.67
N GLY A 16 3.45 -5.70 -3.99
CA GLY A 16 2.56 -6.83 -3.78
C GLY A 16 2.75 -7.46 -2.42
N ASP A 17 2.71 -6.64 -1.37
CA ASP A 17 2.88 -7.13 0.00
C ASP A 17 1.91 -6.42 0.94
N CYS A 18 0.98 -5.66 0.37
CA CYS A 18 0.00 -4.93 1.17
C CYS A 18 -1.09 -5.87 1.66
N CYS A 19 -1.56 -5.63 2.89
CA CYS A 19 -2.61 -6.44 3.48
C CYS A 19 -3.80 -6.58 2.54
N GLU A 20 -4.68 -7.54 2.83
CA GLU A 20 -5.87 -7.77 2.01
C GLU A 20 -6.73 -6.52 1.95
N GLY A 21 -6.97 -6.01 0.74
CA GLY A 21 -7.78 -4.83 0.58
C GLY A 21 -6.95 -3.57 0.42
N LEU A 22 -5.65 -3.74 0.27
CA LEU A 22 -4.73 -2.61 0.11
C LEU A 22 -4.04 -2.65 -1.25
N GLU A 23 -3.45 -1.54 -1.65
CA GLU A 23 -2.75 -1.45 -2.92
C GLU A 23 -1.66 -0.39 -2.88
N CYS A 24 -0.47 -0.75 -3.35
CA CYS A 24 0.66 0.17 -3.37
C CYS A 24 0.42 1.31 -4.35
N TRP A 25 0.62 2.54 -3.89
CA TRP A 25 0.43 3.72 -4.73
C TRP A 25 1.66 4.62 -4.69
N LYS A 26 2.08 5.10 -5.86
CA LYS A 26 3.24 5.98 -5.96
C LYS A 26 2.83 7.44 -5.79
N ARG A 27 3.78 8.26 -5.33
CA ARG A 27 3.51 9.68 -5.13
C ARG A 27 4.65 10.53 -5.69
N ARG A 28 4.43 11.84 -5.76
CA ARG A 28 5.43 12.76 -6.28
C ARG A 28 6.04 13.59 -5.15
N ARG A 29 5.29 13.75 -4.07
CA ARG A 29 5.75 14.52 -2.92
C ARG A 29 6.23 13.60 -1.80
N SER A 30 5.73 12.37 -1.80
CA SER A 30 6.12 11.40 -0.78
C SER A 30 6.50 10.06 -1.43
N PHE A 31 7.03 9.15 -0.62
CA PHE A 31 7.44 7.85 -1.10
C PHE A 31 6.23 6.92 -1.26
N GLU A 32 6.39 5.89 -2.09
CA GLU A 32 5.31 4.93 -2.32
C GLU A 32 4.85 4.30 -1.02
N VAL A 33 3.53 4.18 -0.86
CA VAL A 33 2.96 3.60 0.34
C VAL A 33 1.70 2.79 0.02
N CYS A 34 1.46 1.74 0.80
CA CYS A 34 0.29 0.89 0.59
C CYS A 34 -0.99 1.63 0.97
N VAL A 35 -1.72 2.10 -0.04
CA VAL A 35 -2.96 2.83 0.19
C VAL A 35 -4.16 1.88 0.13
N PRO A 36 -5.24 2.24 0.85
CA PRO A 36 -6.47 1.45 0.90
C PRO A 36 -7.22 1.49 -0.42
N LYS A 37 -7.76 0.34 -0.83
CA LYS A 37 -8.52 0.24 -2.08
C LYS A 37 -9.85 0.95 -1.95
N THR A 38 -10.27 1.61 -3.04
CA THR A 38 -11.54 2.33 -3.04
C THR A 38 -12.72 1.37 -3.08
N PRO A 39 -13.90 1.87 -2.66
CA PRO A 39 -15.13 1.06 -2.63
C PRO A 39 -15.64 0.72 -4.03
N LYS A 40 -15.63 -0.57 -4.36
CA LYS A 40 -16.09 -1.02 -5.67
C LYS A 40 -17.39 -1.80 -5.54
N THR A 41 -18.48 -1.21 -6.05
CA THR A 41 -19.78 -1.85 -5.99
C THR A 41 -20.23 -2.31 -7.37
N SER A 1 6.96 -11.78 11.95
CA SER A 1 6.22 -10.71 12.61
C SER A 1 5.45 -9.88 11.60
N GLU A 2 5.95 -9.85 10.36
CA GLU A 2 5.31 -9.08 9.30
C GLU A 2 4.58 -10.01 8.34
N ASP A 3 3.25 -9.94 8.36
CA ASP A 3 2.43 -10.78 7.47
C ASP A 3 1.91 -9.97 6.30
N CYS A 4 1.91 -8.65 6.44
CA CYS A 4 1.43 -7.77 5.38
C CYS A 4 1.66 -6.30 5.76
N ILE A 5 1.71 -5.44 4.75
CA ILE A 5 1.92 -4.02 4.97
C ILE A 5 0.60 -3.31 5.28
N PRO A 6 0.58 -2.58 6.41
CA PRO A 6 -0.60 -1.84 6.85
C PRO A 6 -0.90 -0.64 5.96
N LYS A 7 -1.84 0.20 6.39
CA LYS A 7 -2.21 1.39 5.63
C LYS A 7 -1.16 2.49 5.78
N TRP A 8 -0.56 2.89 4.67
CA TRP A 8 0.46 3.92 4.67
C TRP A 8 1.65 3.51 5.54
N LYS A 9 2.44 2.58 5.04
CA LYS A 9 3.61 2.10 5.77
C LYS A 9 4.86 2.20 4.91
N GLY A 10 4.67 2.30 3.59
CA GLY A 10 5.80 2.41 2.68
C GLY A 10 5.98 1.15 1.85
N CYS A 11 5.85 1.30 0.53
CA CYS A 11 6.00 0.17 -0.38
C CYS A 11 6.99 0.50 -1.49
N VAL A 12 8.12 1.11 -1.11
CA VAL A 12 9.15 1.47 -2.08
C VAL A 12 9.71 0.24 -2.78
N ASN A 13 9.60 -0.92 -2.12
CA ASN A 13 10.09 -2.16 -2.69
C ASN A 13 9.19 -3.33 -2.32
N ARG A 14 7.94 -3.01 -1.94
CA ARG A 14 6.98 -4.02 -1.56
C ARG A 14 5.58 -3.66 -2.05
N HIS A 15 5.37 -3.74 -3.36
CA HIS A 15 4.09 -3.42 -3.95
C HIS A 15 3.07 -4.51 -3.68
N GLY A 16 3.45 -5.76 -3.98
CA GLY A 16 2.56 -6.88 -3.76
C GLY A 16 2.74 -7.51 -2.39
N ASP A 17 2.70 -6.67 -1.36
CA ASP A 17 2.87 -7.15 0.02
C ASP A 17 1.90 -6.43 0.96
N CYS A 18 0.98 -5.67 0.39
CA CYS A 18 0.00 -4.93 1.17
C CYS A 18 -1.12 -5.84 1.66
N CYS A 19 -1.58 -5.60 2.89
CA CYS A 19 -2.64 -6.41 3.46
C CYS A 19 -3.83 -6.50 2.53
N GLU A 20 -4.76 -7.41 2.83
CA GLU A 20 -5.96 -7.59 2.01
C GLU A 20 -6.76 -6.30 1.93
N GLY A 21 -7.06 -5.87 0.71
CA GLY A 21 -7.84 -4.66 0.52
C GLY A 21 -6.95 -3.44 0.36
N LEU A 22 -5.64 -3.66 0.28
CA LEU A 22 -4.69 -2.56 0.13
C LEU A 22 -4.01 -2.63 -1.23
N GLU A 23 -3.41 -1.50 -1.64
CA GLU A 23 -2.71 -1.45 -2.92
C GLU A 23 -1.62 -0.38 -2.89
N CYS A 24 -0.43 -0.76 -3.35
CA CYS A 24 0.71 0.16 -3.37
C CYS A 24 0.48 1.29 -4.37
N TRP A 25 0.71 2.52 -3.93
CA TRP A 25 0.52 3.69 -4.77
C TRP A 25 1.75 4.59 -4.73
N LYS A 26 2.17 5.07 -5.90
CA LYS A 26 3.33 5.95 -6.00
C LYS A 26 2.92 7.41 -5.89
N ARG A 27 3.67 8.18 -5.11
CA ARG A 27 3.37 9.60 -4.92
C ARG A 27 4.49 10.46 -5.49
N ARG A 28 4.22 11.76 -5.65
CA ARG A 28 5.21 12.69 -6.18
C ARG A 28 5.81 13.54 -5.06
N ARG A 29 5.05 13.70 -3.97
CA ARG A 29 5.51 14.48 -2.84
C ARG A 29 5.93 13.59 -1.68
N SER A 30 5.66 12.29 -1.83
CA SER A 30 6.00 11.31 -0.79
C SER A 30 6.36 9.98 -1.40
N PHE A 31 7.08 9.16 -0.65
CA PHE A 31 7.49 7.84 -1.12
C PHE A 31 6.29 6.91 -1.28
N GLU A 32 6.45 5.87 -2.09
CA GLU A 32 5.37 4.92 -2.33
C GLU A 32 4.89 4.30 -1.02
N VAL A 33 3.58 4.17 -0.88
CA VAL A 33 2.99 3.60 0.32
C VAL A 33 1.73 2.79 -0.01
N CYS A 34 1.47 1.76 0.78
CA CYS A 34 0.31 0.91 0.57
C CYS A 34 -0.98 1.66 0.94
N VAL A 35 -1.69 2.13 -0.07
CA VAL A 35 -2.94 2.85 0.15
C VAL A 35 -4.14 1.92 0.12
N PRO A 36 -5.20 2.28 0.85
CA PRO A 36 -6.43 1.48 0.93
C PRO A 36 -7.20 1.49 -0.38
N LYS A 37 -7.59 0.32 -0.84
CA LYS A 37 -8.34 0.19 -2.09
C LYS A 37 -9.72 0.85 -1.96
N THR A 38 -10.10 1.60 -2.98
CA THR A 38 -11.39 2.29 -2.98
C THR A 38 -12.42 1.52 -3.79
N PRO A 39 -13.71 1.80 -3.53
CA PRO A 39 -14.82 1.14 -4.24
C PRO A 39 -14.91 1.58 -5.70
N LYS A 40 -15.34 0.65 -6.56
CA LYS A 40 -15.47 0.94 -7.98
C LYS A 40 -16.92 0.80 -8.42
N THR A 41 -17.50 1.91 -8.89
CA THR A 41 -18.89 1.91 -9.34
C THR A 41 -19.01 2.49 -10.74
N SER A 1 0.30 -14.25 13.80
CA SER A 1 1.30 -13.38 13.18
C SER A 1 0.73 -12.72 11.93
N GLU A 2 0.96 -11.43 11.80
CA GLU A 2 0.47 -10.68 10.64
C GLU A 2 1.62 -10.28 9.72
N ASP A 3 1.62 -10.84 8.52
CA ASP A 3 2.68 -10.54 7.54
C ASP A 3 2.10 -9.81 6.33
N CYS A 4 2.07 -8.49 6.42
CA CYS A 4 1.55 -7.67 5.33
C CYS A 4 1.74 -6.18 5.63
N ILE A 5 1.83 -5.38 4.57
CA ILE A 5 2.01 -3.94 4.72
C ILE A 5 0.69 -3.24 5.02
N PRO A 6 0.62 -2.58 6.18
CA PRO A 6 -0.59 -1.86 6.61
C PRO A 6 -0.84 -0.60 5.77
N LYS A 7 -1.78 0.21 6.20
CA LYS A 7 -2.12 1.44 5.50
C LYS A 7 -1.08 2.52 5.75
N TRP A 8 -0.45 2.99 4.69
CA TRP A 8 0.57 4.03 4.79
C TRP A 8 1.76 3.54 5.61
N LYS A 9 2.49 2.57 5.07
CA LYS A 9 3.65 2.01 5.75
C LYS A 9 4.88 2.08 4.86
N GLY A 10 4.66 2.24 3.56
CA GLY A 10 5.77 2.32 2.62
C GLY A 10 5.94 1.04 1.83
N CYS A 11 5.93 1.18 0.49
CA CYS A 11 6.08 0.03 -0.38
C CYS A 11 7.08 0.33 -1.51
N VAL A 12 8.16 1.02 -1.15
CA VAL A 12 9.19 1.38 -2.11
C VAL A 12 9.80 0.13 -2.75
N ASN A 13 9.65 -1.01 -2.08
CA ASN A 13 10.18 -2.27 -2.57
C ASN A 13 9.11 -3.36 -2.54
N ARG A 14 8.30 -3.36 -1.49
CA ARG A 14 7.24 -4.36 -1.35
C ARG A 14 5.92 -3.81 -1.86
N HIS A 15 5.75 -3.80 -3.18
CA HIS A 15 4.53 -3.30 -3.80
C HIS A 15 3.39 -4.29 -3.63
N GLY A 16 3.65 -5.55 -3.98
CA GLY A 16 2.63 -6.57 -3.86
C GLY A 16 2.72 -7.33 -2.54
N ASP A 17 2.59 -6.59 -1.44
CA ASP A 17 2.66 -7.19 -0.11
C ASP A 17 1.75 -6.46 0.86
N CYS A 18 0.83 -5.66 0.33
CA CYS A 18 -0.10 -4.89 1.15
C CYS A 18 -1.23 -5.78 1.66
N CYS A 19 -1.66 -5.53 2.90
CA CYS A 19 -2.74 -6.30 3.50
C CYS A 19 -3.97 -6.33 2.60
N GLU A 20 -4.85 -7.30 2.82
CA GLU A 20 -6.06 -7.43 2.03
C GLU A 20 -6.83 -6.11 2.00
N GLY A 21 -7.14 -5.65 0.79
CA GLY A 21 -7.87 -4.41 0.63
C GLY A 21 -6.95 -3.21 0.48
N LEU A 22 -5.66 -3.48 0.29
CA LEU A 22 -4.68 -2.42 0.12
C LEU A 22 -3.97 -2.53 -1.22
N GLU A 23 -3.35 -1.43 -1.65
CA GLU A 23 -2.64 -1.42 -2.92
C GLU A 23 -1.52 -0.38 -2.90
N CYS A 24 -0.34 -0.78 -3.37
CA CYS A 24 0.81 0.12 -3.41
C CYS A 24 0.57 1.27 -4.39
N TRP A 25 0.80 2.49 -3.92
CA TRP A 25 0.62 3.67 -4.76
C TRP A 25 1.90 4.49 -4.83
N LYS A 26 2.15 5.09 -5.98
CA LYS A 26 3.34 5.91 -6.18
C LYS A 26 3.01 7.40 -6.11
N ARG A 27 3.44 8.05 -5.03
CA ARG A 27 3.17 9.47 -4.85
C ARG A 27 4.43 10.30 -5.13
N ARG A 28 4.24 11.48 -5.69
CA ARG A 28 5.35 12.36 -6.01
C ARG A 28 5.78 13.17 -4.79
N ARG A 29 4.81 13.54 -3.96
CA ARG A 29 5.09 14.31 -2.75
C ARG A 29 5.51 13.39 -1.61
N SER A 30 5.07 12.14 -1.67
CA SER A 30 5.40 11.16 -0.63
C SER A 30 5.85 9.84 -1.25
N PHE A 31 6.81 9.20 -0.61
CA PHE A 31 7.33 7.92 -1.09
C PHE A 31 6.21 6.92 -1.31
N GLU A 32 6.49 5.88 -2.10
CA GLU A 32 5.49 4.86 -2.38
C GLU A 32 4.98 4.22 -1.09
N VAL A 33 3.66 4.12 -0.96
CA VAL A 33 3.05 3.53 0.21
C VAL A 33 1.79 2.74 -0.15
N CYS A 34 1.43 1.79 0.71
CA CYS A 34 0.25 0.97 0.48
C CYS A 34 -1.03 1.72 0.87
N VAL A 35 -1.74 2.23 -0.13
CA VAL A 35 -2.97 2.96 0.11
C VAL A 35 -4.18 2.02 0.15
N PRO A 36 -5.23 2.44 0.87
CA PRO A 36 -6.46 1.65 1.01
C PRO A 36 -7.25 1.59 -0.29
N LYS A 37 -7.63 0.38 -0.69
CA LYS A 37 -8.40 0.18 -1.91
C LYS A 37 -9.76 0.87 -1.81
N THR A 38 -10.19 1.49 -2.92
CA THR A 38 -11.46 2.18 -2.97
C THR A 38 -12.60 1.22 -3.32
N PRO A 39 -13.83 1.62 -2.98
CA PRO A 39 -15.02 0.81 -3.25
C PRO A 39 -15.34 0.74 -4.74
N LYS A 40 -15.86 -0.41 -5.18
CA LYS A 40 -16.20 -0.61 -6.58
C LYS A 40 -17.63 -0.12 -6.86
N THR A 41 -17.76 0.74 -7.86
CA THR A 41 -19.07 1.28 -8.23
C THR A 41 -19.06 1.80 -9.66
N SER A 1 -0.51 -17.09 11.25
CA SER A 1 0.55 -16.22 10.74
C SER A 1 -0.03 -14.94 10.16
N GLU A 2 0.66 -13.83 10.40
CA GLU A 2 0.20 -12.52 9.90
C GLU A 2 1.38 -11.72 9.35
N ASP A 3 1.43 -11.59 8.03
CA ASP A 3 2.49 -10.83 7.37
C ASP A 3 1.95 -10.02 6.21
N CYS A 4 1.95 -8.70 6.37
CA CYS A 4 1.46 -7.80 5.33
C CYS A 4 1.68 -6.35 5.72
N ILE A 5 1.72 -5.47 4.72
CA ILE A 5 1.93 -4.05 4.96
C ILE A 5 0.61 -3.36 5.29
N PRO A 6 0.60 -2.63 6.42
CA PRO A 6 -0.60 -1.90 6.88
C PRO A 6 -0.91 -0.70 5.99
N LYS A 7 -1.85 0.12 6.44
CA LYS A 7 -2.25 1.31 5.68
C LYS A 7 -1.21 2.42 5.84
N TRP A 8 -0.57 2.79 4.74
CA TRP A 8 0.43 3.84 4.75
C TRP A 8 1.63 3.44 5.60
N LYS A 9 2.43 2.52 5.08
CA LYS A 9 3.62 2.05 5.79
C LYS A 9 4.87 2.20 4.93
N GLY A 10 4.67 2.32 3.62
CA GLY A 10 5.78 2.47 2.71
C GLY A 10 6.01 1.23 1.86
N CYS A 11 5.77 1.36 0.57
CA CYS A 11 5.94 0.24 -0.35
C CYS A 11 6.93 0.60 -1.46
N VAL A 12 8.06 1.20 -1.08
CA VAL A 12 9.08 1.59 -2.04
C VAL A 12 9.66 0.38 -2.76
N ASN A 13 9.53 -0.79 -2.14
CA ASN A 13 10.03 -2.03 -2.71
C ASN A 13 9.14 -3.21 -2.35
N ARG A 14 7.90 -2.91 -1.97
CA ARG A 14 6.95 -3.94 -1.59
C ARG A 14 5.54 -3.59 -2.07
N HIS A 15 5.33 -3.67 -3.38
CA HIS A 15 4.04 -3.36 -3.97
C HIS A 15 3.04 -4.48 -3.70
N GLY A 16 3.43 -5.71 -4.01
CA GLY A 16 2.56 -6.84 -3.79
C GLY A 16 2.75 -7.47 -2.42
N ASP A 17 2.69 -6.65 -1.38
CA ASP A 17 2.86 -7.13 -0.01
C ASP A 17 1.90 -6.42 0.94
N CYS A 18 0.97 -5.66 0.36
CA CYS A 18 -0.01 -4.92 1.16
C CYS A 18 -1.12 -5.85 1.65
N CYS A 19 -1.57 -5.63 2.88
CA CYS A 19 -2.63 -6.44 3.47
C CYS A 19 -3.83 -6.54 2.52
N GLU A 20 -4.68 -7.53 2.75
CA GLU A 20 -5.87 -7.73 1.93
C GLU A 20 -6.72 -6.46 1.89
N GLY A 21 -7.01 -5.99 0.68
CA GLY A 21 -7.81 -4.78 0.53
C GLY A 21 -6.96 -3.54 0.36
N LEU A 22 -5.65 -3.72 0.31
CA LEU A 22 -4.72 -2.61 0.15
C LEU A 22 -4.04 -2.66 -1.21
N GLU A 23 -3.45 -1.53 -1.62
CA GLU A 23 -2.76 -1.45 -2.90
C GLU A 23 -1.67 -0.38 -2.86
N CYS A 24 -0.48 -0.74 -3.31
CA CYS A 24 0.64 0.19 -3.34
C CYS A 24 0.40 1.34 -4.31
N TRP A 25 0.63 2.55 -3.85
CA TRP A 25 0.43 3.73 -4.69
C TRP A 25 1.67 4.62 -4.68
N LYS A 26 2.08 5.05 -5.86
CA LYS A 26 3.26 5.91 -6.00
C LYS A 26 2.89 7.37 -5.80
N ARG A 27 3.87 8.19 -5.43
CA ARG A 27 3.65 9.62 -5.21
C ARG A 27 4.92 10.41 -5.46
N ARG A 28 4.77 11.65 -5.92
CA ARG A 28 5.91 12.51 -6.21
C ARG A 28 6.27 13.35 -4.98
N ARG A 29 5.25 13.76 -4.23
CA ARG A 29 5.46 14.57 -3.04
C ARG A 29 6.02 13.73 -1.90
N SER A 30 5.69 12.43 -1.92
CA SER A 30 6.15 11.52 -0.88
C SER A 30 6.59 10.19 -1.49
N PHE A 31 6.92 9.23 -0.63
CA PHE A 31 7.35 7.91 -1.07
C PHE A 31 6.16 6.98 -1.24
N GLU A 32 6.33 5.95 -2.05
CA GLU A 32 5.26 4.98 -2.30
C GLU A 32 4.79 4.34 -0.99
N VAL A 33 3.47 4.21 -0.85
CA VAL A 33 2.90 3.62 0.36
C VAL A 33 1.65 2.80 0.03
N CYS A 34 1.40 1.76 0.82
CA CYS A 34 0.24 0.91 0.61
C CYS A 34 -1.04 1.63 1.01
N VAL A 35 -1.78 2.10 0.00
CA VAL A 35 -3.03 2.81 0.24
C VAL A 35 -4.22 1.86 0.21
N PRO A 36 -5.28 2.21 0.95
CA PRO A 36 -6.50 1.40 1.01
C PRO A 36 -7.28 1.42 -0.30
N LYS A 37 -7.65 0.24 -0.78
CA LYS A 37 -8.40 0.12 -2.03
C LYS A 37 -9.78 0.76 -1.89
N THR A 38 -10.18 1.50 -2.93
CA THR A 38 -11.48 2.17 -2.92
C THR A 38 -12.28 1.81 -4.16
N PRO A 39 -13.61 2.01 -4.08
CA PRO A 39 -14.52 1.71 -5.19
C PRO A 39 -14.35 2.67 -6.36
N LYS A 40 -14.47 2.15 -7.57
CA LYS A 40 -14.33 2.97 -8.78
C LYS A 40 -15.63 2.99 -9.57
N THR A 41 -16.23 4.16 -9.67
CA THR A 41 -17.49 4.32 -10.41
C THR A 41 -17.36 5.40 -11.47
#